data_1HT0
#
_entry.id   1HT0
#
_cell.length_a   56.4
_cell.length_b   71.5
_cell.length_c   92.1
_cell.angle_alpha   90
_cell.angle_beta   102.9
_cell.angle_gamma   90
#
_symmetry.space_group_name_H-M   'P 1 21 1'
#
loop_
_entity.id
_entity.type
_entity.pdbx_description
1 polymer 'CLASS I ALCOHOL DEHYDROGENASE 3, GAMMA SUBUNIT'
2 non-polymer 'ZINC ION'
3 non-polymer NICOTINAMIDE-ADENINE-DINUCLEOTIDE
4 water water
#
_entity_poly.entity_id   1
_entity_poly.type   'polypeptide(L)'
_entity_poly.pdbx_seq_one_letter_code
;STAGKVIKCKAAVLWELKKPFSIEEVEVAPPKAHEVRIKMVAAGICRSDEHVVSGNLVTPLPVILGHEAAGIVESVGEGV
TTVKPGDKVIPLFTPQCGKCRICKNPESNYCLKNDLGNPRGTLQDGTRRFTCSGKPIHHFVGVSTFSQYTVVDENAVAKI
DAASPLEKVCLIGCGFSTGYGSAVKVAKVTPGSTCAVFGLGGVGLSVVMGCKAAGAARIIAVDINKDKFAKAKELGATEC
INPQDYKKPIQEVLKEMTDGGVDFSFEVIGQLDTMMASLLCCHEACGTSVIVGVPPDSQNLSINPMLLLTGRTWKGAIFG
GFKSKESVPKLVADFMAKKFSLDALITNVLPFEKINEGFDLLRSGKSIRTVLTF
;
_entity_poly.pdbx_strand_id   A,B
#
loop_
_chem_comp.id
_chem_comp.type
_chem_comp.name
_chem_comp.formula
NAD non-polymer NICOTINAMIDE-ADENINE-DINUCLEOTIDE 'C21 H27 N7 O14 P2'
ZN non-polymer 'ZINC ION' 'Zn 2'
#
# COMPACT_ATOMS: atom_id res chain seq x y z
N SER A 1 -23.70 -44.26 -19.43
CA SER A 1 -23.08 -43.38 -18.40
C SER A 1 -23.69 -41.99 -18.47
N THR A 2 -22.97 -41.00 -17.98
CA THR A 2 -23.47 -39.62 -17.98
C THR A 2 -22.79 -38.68 -18.96
N ALA A 3 -21.69 -39.13 -19.55
CA ALA A 3 -20.92 -38.35 -20.51
C ALA A 3 -21.76 -37.82 -21.68
N GLY A 4 -21.83 -36.49 -21.78
CA GLY A 4 -22.57 -35.86 -22.86
C GLY A 4 -24.04 -35.70 -22.60
N LYS A 5 -24.48 -36.04 -21.39
CA LYS A 5 -25.88 -35.94 -21.02
C LYS A 5 -26.10 -34.94 -19.90
N VAL A 6 -27.37 -34.58 -19.70
CA VAL A 6 -27.75 -33.68 -18.63
C VAL A 6 -27.79 -34.54 -17.36
N ILE A 7 -27.36 -34.00 -16.22
CA ILE A 7 -27.38 -34.75 -14.97
C ILE A 7 -28.32 -34.10 -13.97
N LYS A 8 -29.27 -34.87 -13.44
CA LYS A 8 -30.17 -34.34 -12.43
C LYS A 8 -29.51 -34.70 -11.09
N CYS A 9 -29.16 -33.70 -10.31
CA CYS A 9 -28.51 -33.98 -9.03
C CYS A 9 -28.99 -33.03 -7.96
N LYS A 10 -28.51 -33.24 -6.75
CA LYS A 10 -28.87 -32.40 -5.61
C LYS A 10 -27.94 -31.20 -5.53
N ALA A 11 -28.49 -30.04 -5.20
CA ALA A 11 -27.70 -28.82 -5.08
C ALA A 11 -28.34 -27.94 -4.02
N ALA A 12 -27.55 -27.03 -3.47
CA ALA A 12 -28.08 -26.09 -2.48
C ALA A 12 -28.24 -24.76 -3.21
N VAL A 13 -29.50 -24.37 -3.42
CA VAL A 13 -29.82 -23.14 -4.13
C VAL A 13 -30.26 -22.03 -3.18
N LEU A 14 -29.79 -20.81 -3.44
CA LEU A 14 -30.18 -19.66 -2.63
C LEU A 14 -31.09 -18.83 -3.53
N TRP A 15 -32.38 -18.80 -3.21
CA TRP A 15 -33.38 -18.07 -3.98
C TRP A 15 -33.59 -16.65 -3.48
N GLU A 16 -33.31 -16.44 -2.20
CA GLU A 16 -33.50 -15.15 -1.56
C GLU A 16 -32.45 -14.90 -0.48
N LEU A 17 -32.16 -13.62 -0.23
CA LEU A 17 -31.18 -13.24 0.80
C LEU A 17 -31.72 -13.51 2.20
N LYS A 18 -30.82 -13.73 3.14
CA LYS A 18 -31.17 -13.98 4.53
C LYS A 18 -32.16 -15.12 4.74
N LYS A 19 -32.14 -16.11 3.86
CA LYS A 19 -33.02 -17.29 3.97
C LYS A 19 -32.14 -18.52 3.87
N PRO A 20 -32.55 -19.63 4.51
CA PRO A 20 -31.72 -20.84 4.43
C PRO A 20 -31.59 -21.29 2.97
N PHE A 21 -30.56 -22.08 2.67
CA PHE A 21 -30.39 -22.61 1.33
C PHE A 21 -31.49 -23.65 1.15
N SER A 22 -31.95 -23.83 -0.08
CA SER A 22 -32.96 -24.81 -0.38
C SER A 22 -32.30 -25.99 -1.06
N ILE A 23 -32.36 -27.15 -0.43
CA ILE A 23 -31.77 -28.35 -1.01
C ILE A 23 -32.77 -28.94 -2.01
N GLU A 24 -32.36 -29.03 -3.28
CA GLU A 24 -33.26 -29.60 -4.27
C GLU A 24 -32.57 -30.15 -5.51
N GLU A 25 -33.37 -30.74 -6.39
CA GLU A 25 -32.84 -31.32 -7.61
C GLU A 25 -32.66 -30.27 -8.70
N VAL A 26 -31.48 -30.28 -9.30
CA VAL A 26 -31.17 -29.34 -10.37
C VAL A 26 -30.68 -30.15 -11.56
N GLU A 27 -30.75 -29.55 -12.74
CA GLU A 27 -30.29 -30.18 -13.96
C GLU A 27 -28.98 -29.50 -14.34
N VAL A 28 -27.95 -30.30 -14.51
CA VAL A 28 -26.62 -29.81 -14.86
C VAL A 28 -26.24 -30.24 -16.28
N ALA A 29 -26.09 -29.25 -17.15
CA ALA A 29 -25.74 -29.47 -18.55
C ALA A 29 -24.35 -30.06 -18.73
N PRO A 30 -24.11 -30.75 -19.86
CA PRO A 30 -22.79 -31.34 -20.11
C PRO A 30 -21.83 -30.18 -20.39
N PRO A 31 -20.52 -30.40 -20.22
CA PRO A 31 -19.57 -29.33 -20.47
C PRO A 31 -19.28 -29.07 -21.94
N LYS A 32 -18.99 -27.82 -22.27
CA LYS A 32 -18.65 -27.45 -23.64
C LYS A 32 -17.22 -27.87 -23.91
N ALA A 33 -16.74 -27.57 -25.13
CA ALA A 33 -15.40 -27.94 -25.58
C ALA A 33 -14.24 -27.69 -24.61
N HIS A 34 -14.25 -26.56 -23.93
CA HIS A 34 -13.18 -26.23 -22.98
C HIS A 34 -13.69 -26.16 -21.54
N GLU A 35 -14.62 -27.03 -21.20
CA GLU A 35 -15.19 -27.08 -19.84
C GLU A 35 -15.01 -28.46 -19.21
N VAL A 36 -15.21 -28.49 -17.90
CA VAL A 36 -15.03 -29.72 -17.12
C VAL A 36 -16.19 -29.90 -16.13
N ARG A 37 -16.85 -31.07 -16.18
CA ARG A 37 -17.93 -31.34 -15.22
C ARG A 37 -17.32 -32.16 -14.09
N ILE A 38 -17.54 -31.72 -12.86
CA ILE A 38 -16.94 -32.33 -11.70
C ILE A 38 -17.94 -32.90 -10.71
N LYS A 39 -17.65 -34.07 -10.18
CA LYS A 39 -18.50 -34.69 -9.16
C LYS A 39 -17.84 -34.23 -7.86
N MET A 40 -18.55 -33.43 -7.07
CA MET A 40 -17.99 -32.91 -5.83
C MET A 40 -17.84 -33.98 -4.76
N VAL A 41 -16.76 -33.90 -3.99
CA VAL A 41 -16.52 -34.84 -2.91
C VAL A 41 -16.61 -34.13 -1.56
N ALA A 42 -15.97 -32.97 -1.47
CA ALA A 42 -15.96 -32.18 -0.24
C ALA A 42 -15.99 -30.69 -0.56
N ALA A 43 -16.68 -29.92 0.28
CA ALA A 43 -16.76 -28.46 0.12
C ALA A 43 -16.66 -27.78 1.48
N GLY A 44 -15.78 -26.80 1.59
CA GLY A 44 -15.65 -26.07 2.84
C GLY A 44 -16.61 -24.89 2.87
N ILE A 45 -16.99 -24.45 4.06
CA ILE A 45 -17.89 -23.32 4.23
C ILE A 45 -17.06 -22.08 4.62
N CYS A 46 -17.00 -21.13 3.71
CA CYS A 46 -16.22 -19.91 3.92
C CYS A 46 -17.11 -18.70 4.20
N ARG A 47 -16.59 -17.74 4.95
CA ARG A 47 -17.37 -16.56 5.27
C ARG A 47 -17.85 -15.80 4.02
N SER A 48 -17.13 -15.91 2.91
CA SER A 48 -17.53 -15.23 1.69
C SER A 48 -18.86 -15.77 1.16
N ASP A 49 -19.10 -17.07 1.35
CA ASP A 49 -20.37 -17.62 0.89
C ASP A 49 -21.46 -16.98 1.74
N GLU A 50 -21.16 -16.79 3.02
CA GLU A 50 -22.12 -16.17 3.93
C GLU A 50 -22.34 -14.70 3.60
N HIS A 51 -21.32 -14.02 3.06
CA HIS A 51 -21.47 -12.61 2.70
C HIS A 51 -22.57 -12.45 1.66
N VAL A 52 -22.70 -13.44 0.79
CA VAL A 52 -23.75 -13.38 -0.24
C VAL A 52 -25.11 -13.57 0.42
N VAL A 53 -25.20 -14.54 1.33
CA VAL A 53 -26.45 -14.81 2.03
C VAL A 53 -26.90 -13.57 2.82
N SER A 54 -25.99 -12.96 3.55
CA SER A 54 -26.31 -11.79 4.36
C SER A 54 -26.60 -10.54 3.54
N GLY A 55 -26.07 -10.50 2.32
CA GLY A 55 -26.26 -9.34 1.46
C GLY A 55 -25.04 -8.44 1.41
N ASN A 56 -23.98 -8.81 2.14
CA ASN A 56 -22.75 -8.02 2.18
C ASN A 56 -21.95 -8.09 0.87
N LEU A 57 -22.02 -9.23 0.20
CA LEU A 57 -21.34 -9.44 -1.07
C LEU A 57 -22.42 -9.66 -2.14
N VAL A 58 -22.51 -8.73 -3.08
CA VAL A 58 -23.51 -8.78 -4.13
C VAL A 58 -23.17 -9.66 -5.33
N THR A 59 -24.10 -10.55 -5.67
CA THR A 59 -23.97 -11.46 -6.80
C THR A 59 -25.41 -11.78 -7.21
N PRO A 60 -25.66 -12.01 -8.51
CA PRO A 60 -27.03 -12.30 -8.94
C PRO A 60 -27.65 -13.60 -8.42
N LEU A 61 -28.91 -13.50 -8.01
CA LEU A 61 -29.68 -14.64 -7.49
C LEU A 61 -30.78 -14.95 -8.51
N PRO A 62 -31.31 -16.19 -8.53
CA PRO A 62 -30.94 -17.33 -7.67
C PRO A 62 -29.56 -17.85 -8.05
N VAL A 63 -28.84 -18.36 -7.07
CA VAL A 63 -27.49 -18.82 -7.32
C VAL A 63 -27.11 -20.04 -6.50
N ILE A 64 -26.12 -20.80 -6.98
CA ILE A 64 -25.60 -21.95 -6.27
C ILE A 64 -24.22 -21.47 -5.82
N LEU A 65 -24.07 -21.24 -4.50
CA LEU A 65 -22.82 -20.77 -3.90
C LEU A 65 -21.79 -21.89 -3.74
N GLY A 66 -20.72 -21.60 -2.99
CA GLY A 66 -19.66 -22.56 -2.78
C GLY A 66 -18.49 -22.26 -3.73
N HIS A 67 -17.27 -22.29 -3.20
CA HIS A 67 -16.08 -22.00 -4.02
C HIS A 67 -14.81 -22.65 -3.48
N GLU A 68 -14.90 -23.19 -2.26
CA GLU A 68 -13.79 -23.87 -1.62
C GLU A 68 -14.18 -25.35 -1.65
N ALA A 69 -13.60 -26.11 -2.57
CA ALA A 69 -13.96 -27.52 -2.73
C ALA A 69 -12.94 -28.40 -3.45
N ALA A 70 -13.32 -29.66 -3.59
CA ALA A 70 -12.52 -30.67 -4.26
C ALA A 70 -13.46 -31.77 -4.74
N GLY A 71 -13.17 -32.29 -5.94
CA GLY A 71 -14.00 -33.33 -6.50
C GLY A 71 -13.26 -34.21 -7.47
N ILE A 72 -14.02 -34.99 -8.24
CA ILE A 72 -13.45 -35.90 -9.21
C ILE A 72 -14.10 -35.61 -10.55
N VAL A 73 -13.28 -35.45 -11.57
CA VAL A 73 -13.76 -35.15 -12.92
C VAL A 73 -14.67 -36.26 -13.47
N GLU A 74 -15.88 -35.89 -13.87
CA GLU A 74 -16.83 -36.83 -14.43
C GLU A 74 -16.68 -36.86 -15.97
N SER A 75 -16.49 -35.68 -16.56
CA SER A 75 -16.31 -35.58 -18.01
C SER A 75 -15.73 -34.23 -18.40
N VAL A 76 -15.03 -34.20 -19.53
CA VAL A 76 -14.39 -33.00 -20.05
C VAL A 76 -14.81 -32.72 -21.49
N GLY A 77 -14.68 -31.45 -21.90
CA GLY A 77 -15.00 -31.06 -23.27
C GLY A 77 -13.89 -31.61 -24.15
N GLU A 78 -14.13 -31.70 -25.45
CA GLU A 78 -13.14 -32.25 -26.40
C GLU A 78 -11.83 -31.45 -26.48
N GLY A 79 -11.90 -30.15 -26.17
CA GLY A 79 -10.72 -29.31 -26.21
C GLY A 79 -9.89 -29.34 -24.93
N VAL A 80 -10.40 -30.01 -23.90
CA VAL A 80 -9.68 -30.11 -22.61
C VAL A 80 -8.47 -31.02 -22.72
N THR A 81 -7.34 -30.54 -22.19
CA THR A 81 -6.08 -31.28 -22.24
C THR A 81 -5.36 -31.39 -20.91
N THR A 82 -5.79 -30.60 -19.93
CA THR A 82 -5.13 -30.59 -18.61
C THR A 82 -5.71 -31.50 -17.53
N VAL A 83 -6.93 -32.00 -17.74
CA VAL A 83 -7.57 -32.92 -16.79
C VAL A 83 -8.34 -33.99 -17.56
N LYS A 84 -8.54 -35.12 -16.88
CA LYS A 84 -9.26 -36.25 -17.47
C LYS A 84 -10.22 -36.86 -16.44
N PRO A 85 -11.32 -37.46 -16.92
CA PRO A 85 -12.31 -38.11 -16.05
C PRO A 85 -11.56 -39.00 -15.07
N GLY A 86 -11.94 -38.96 -13.81
CA GLY A 86 -11.25 -39.77 -12.81
C GLY A 86 -10.18 -38.98 -12.06
N ASP A 87 -9.79 -37.81 -12.57
CA ASP A 87 -8.78 -36.98 -11.89
C ASP A 87 -9.37 -36.24 -10.70
N LYS A 88 -8.60 -36.11 -9.63
CA LYS A 88 -9.02 -35.35 -8.47
C LYS A 88 -8.64 -33.93 -8.82
N VAL A 89 -9.56 -33.00 -8.62
CA VAL A 89 -9.31 -31.61 -8.98
C VAL A 89 -9.92 -30.69 -7.95
N ILE A 90 -9.42 -29.45 -7.95
CA ILE A 90 -9.90 -28.42 -7.07
C ILE A 90 -10.28 -27.28 -7.99
N PRO A 91 -11.56 -26.84 -7.96
CA PRO A 91 -12.01 -25.75 -8.81
C PRO A 91 -11.36 -24.46 -8.28
N LEU A 92 -11.05 -23.55 -9.18
CA LEU A 92 -10.37 -22.30 -8.86
C LEU A 92 -11.33 -21.13 -9.04
N PHE A 93 -11.74 -20.49 -7.95
CA PHE A 93 -12.65 -19.35 -8.04
C PHE A 93 -11.96 -18.16 -8.71
N THR A 94 -10.62 -18.17 -8.69
CA THR A 94 -9.80 -17.15 -9.36
C THR A 94 -9.17 -17.98 -10.47
N PRO A 95 -9.59 -17.77 -11.73
CA PRO A 95 -8.97 -18.59 -12.77
C PRO A 95 -7.56 -18.17 -13.18
N GLN A 96 -6.96 -18.95 -14.07
CA GLN A 96 -5.64 -18.66 -14.61
C GLN A 96 -5.70 -18.96 -16.09
N CYS A 97 -6.30 -18.05 -16.85
CA CYS A 97 -6.42 -18.20 -18.30
C CYS A 97 -5.05 -18.38 -18.95
N GLY A 98 -4.03 -17.77 -18.33
CA GLY A 98 -2.67 -17.87 -18.82
C GLY A 98 -2.33 -17.06 -20.06
N LYS A 99 -3.29 -16.30 -20.57
CA LYS A 99 -3.08 -15.51 -21.78
C LYS A 99 -3.19 -13.99 -21.58
N CYS A 100 -3.82 -13.57 -20.50
CA CYS A 100 -4.02 -12.15 -20.24
C CYS A 100 -2.82 -11.45 -19.58
N ARG A 101 -2.83 -10.11 -19.62
CA ARG A 101 -1.77 -9.27 -19.07
C ARG A 101 -1.44 -9.73 -17.66
N ILE A 102 -2.47 -9.93 -16.86
CA ILE A 102 -2.25 -10.35 -15.48
C ILE A 102 -1.67 -11.75 -15.33
N CYS A 103 -2.13 -12.70 -16.13
CA CYS A 103 -1.60 -14.07 -16.04
C CYS A 103 -0.16 -14.13 -16.51
N LYS A 104 0.22 -13.21 -17.41
CA LYS A 104 1.59 -13.14 -17.94
C LYS A 104 2.52 -12.54 -16.91
N ASN A 105 1.97 -11.70 -16.04
CA ASN A 105 2.72 -11.02 -14.98
C ASN A 105 3.01 -12.01 -13.84
N PRO A 106 4.29 -12.35 -13.65
CA PRO A 106 4.71 -13.28 -12.60
C PRO A 106 4.34 -12.85 -11.18
N GLU A 107 4.08 -11.56 -10.99
CA GLU A 107 3.74 -11.06 -9.66
C GLU A 107 2.26 -10.84 -9.33
N SER A 108 1.37 -11.03 -10.31
CA SER A 108 -0.06 -10.81 -10.09
C SER A 108 -0.85 -12.10 -10.34
N ASN A 109 -2.08 -12.15 -9.83
CA ASN A 109 -2.90 -13.36 -9.98
C ASN A 109 -4.38 -13.10 -10.28
N TYR A 110 -4.80 -11.84 -10.30
CA TYR A 110 -6.21 -11.52 -10.55
C TYR A 110 -6.56 -11.56 -12.04
N CYS A 111 -6.55 -12.78 -12.57
CA CYS A 111 -6.84 -13.04 -13.98
C CYS A 111 -8.07 -12.28 -14.47
N LEU A 112 -7.97 -11.70 -15.67
CA LEU A 112 -9.08 -10.93 -16.21
C LEU A 112 -10.36 -11.72 -16.53
N LYS A 113 -10.30 -13.05 -16.44
CA LYS A 113 -11.47 -13.91 -16.71
C LYS A 113 -12.30 -14.18 -15.45
N ASN A 114 -11.91 -13.57 -14.34
CA ASN A 114 -12.63 -13.73 -13.07
C ASN A 114 -14.06 -13.18 -13.11
N ASP A 115 -14.87 -13.65 -12.17
CA ASP A 115 -16.25 -13.17 -12.04
C ASP A 115 -16.44 -12.61 -10.63
N LEU A 116 -15.40 -12.00 -10.10
CA LEU A 116 -15.41 -11.42 -8.75
C LEU A 116 -15.76 -9.92 -8.70
N GLY A 117 -15.13 -9.14 -9.58
CA GLY A 117 -15.34 -7.70 -9.62
C GLY A 117 -16.77 -7.23 -9.80
N ASN A 118 -17.39 -7.63 -10.92
CA ASN A 118 -18.77 -7.25 -11.19
C ASN A 118 -19.42 -8.53 -11.71
N PRO A 119 -19.85 -9.41 -10.79
CA PRO A 119 -20.48 -10.70 -11.05
C PRO A 119 -21.59 -10.77 -12.09
N ARG A 120 -21.41 -11.70 -13.02
CA ARG A 120 -22.35 -11.99 -14.08
C ARG A 120 -23.10 -13.26 -13.64
N GLY A 121 -22.43 -14.06 -12.83
CA GLY A 121 -23.00 -15.31 -12.34
C GLY A 121 -23.16 -16.31 -13.47
N THR A 122 -22.17 -16.33 -14.37
CA THR A 122 -22.17 -17.24 -15.51
C THR A 122 -20.79 -17.87 -15.66
N LEU A 123 -20.62 -18.69 -16.69
CA LEU A 123 -19.33 -19.29 -16.98
C LEU A 123 -18.66 -18.28 -17.93
N GLN A 124 -17.39 -18.51 -18.27
CA GLN A 124 -16.67 -17.56 -19.12
C GLN A 124 -17.29 -17.21 -20.47
N ASP A 125 -18.12 -18.09 -21.01
CA ASP A 125 -18.76 -17.79 -22.29
C ASP A 125 -20.06 -17.00 -22.12
N GLY A 126 -20.30 -16.54 -20.89
CA GLY A 126 -21.50 -15.75 -20.60
C GLY A 126 -22.80 -16.52 -20.42
N THR A 127 -22.75 -17.85 -20.39
CA THR A 127 -23.96 -18.63 -20.24
C THR A 127 -23.98 -19.46 -18.94
N ARG A 128 -25.12 -20.07 -18.65
CA ARG A 128 -25.27 -20.88 -17.44
C ARG A 128 -25.54 -22.36 -17.74
N ARG A 129 -25.06 -23.23 -16.86
CA ARG A 129 -25.24 -24.67 -17.04
C ARG A 129 -26.26 -25.24 -16.06
N PHE A 130 -26.75 -24.42 -15.15
CA PHE A 130 -27.72 -24.85 -14.14
C PHE A 130 -29.15 -24.42 -14.42
N THR A 131 -30.08 -25.31 -14.08
CA THR A 131 -31.52 -25.09 -14.17
C THR A 131 -32.14 -25.86 -13.02
N CYS A 132 -33.22 -25.31 -12.48
CA CYS A 132 -33.96 -25.91 -11.38
C CYS A 132 -35.40 -25.47 -11.59
N SER A 133 -36.31 -26.43 -11.64
CA SER A 133 -37.72 -26.15 -11.84
C SER A 133 -37.90 -25.31 -13.11
N GLY A 134 -37.11 -25.64 -14.13
CA GLY A 134 -37.17 -24.89 -15.39
C GLY A 134 -36.32 -23.63 -15.42
N LYS A 135 -36.28 -22.91 -14.30
CA LYS A 135 -35.53 -21.65 -14.19
C LYS A 135 -34.00 -21.77 -14.18
N PRO A 136 -33.33 -20.86 -14.91
CA PRO A 136 -31.86 -20.89 -14.96
C PRO A 136 -31.33 -20.51 -13.57
N ILE A 137 -30.19 -21.05 -13.21
CA ILE A 137 -29.60 -20.74 -11.91
C ILE A 137 -28.20 -20.19 -12.14
N HIS A 138 -27.88 -19.09 -11.46
CA HIS A 138 -26.57 -18.46 -11.57
C HIS A 138 -25.44 -19.23 -10.89
N HIS A 139 -24.24 -19.10 -11.48
CA HIS A 139 -23.05 -19.69 -10.92
C HIS A 139 -22.48 -18.66 -9.93
N PHE A 140 -21.51 -19.08 -9.13
CA PHE A 140 -20.86 -18.21 -8.17
C PHE A 140 -19.35 -18.31 -8.44
N VAL A 141 -18.73 -17.17 -8.73
CA VAL A 141 -17.30 -17.09 -9.03
C VAL A 141 -16.79 -18.20 -9.94
N GLY A 142 -17.64 -18.52 -10.91
CA GLY A 142 -17.37 -19.54 -11.91
C GLY A 142 -17.31 -20.99 -11.44
N VAL A 143 -17.41 -21.23 -10.14
CA VAL A 143 -17.29 -22.61 -9.66
C VAL A 143 -18.51 -23.30 -9.03
N SER A 144 -19.37 -22.55 -8.33
CA SER A 144 -20.59 -23.09 -7.70
C SER A 144 -20.41 -24.53 -7.18
N THR A 145 -19.65 -24.68 -6.11
CA THR A 145 -19.33 -26.00 -5.55
C THR A 145 -20.33 -26.64 -4.59
N PHE A 146 -21.40 -25.92 -4.25
CA PHE A 146 -22.43 -26.47 -3.34
C PHE A 146 -23.44 -27.24 -4.17
N SER A 147 -22.95 -28.18 -4.96
CA SER A 147 -23.77 -29.00 -5.82
C SER A 147 -23.04 -30.32 -6.02
N GLN A 148 -23.81 -31.40 -6.16
CA GLN A 148 -23.21 -32.71 -6.36
C GLN A 148 -22.35 -32.73 -7.61
N TYR A 149 -22.75 -31.92 -8.59
CA TYR A 149 -22.03 -31.78 -9.84
C TYR A 149 -21.98 -30.30 -10.25
N THR A 150 -20.85 -29.88 -10.82
CA THR A 150 -20.73 -28.51 -11.31
C THR A 150 -19.94 -28.56 -12.59
N VAL A 151 -20.08 -27.53 -13.40
CA VAL A 151 -19.33 -27.44 -14.65
C VAL A 151 -18.49 -26.17 -14.53
N VAL A 152 -17.19 -26.27 -14.80
CA VAL A 152 -16.33 -25.09 -14.72
C VAL A 152 -15.45 -25.00 -15.95
N ASP A 153 -14.95 -23.79 -16.23
CA ASP A 153 -14.05 -23.58 -17.36
C ASP A 153 -12.77 -24.31 -17.05
N GLU A 154 -12.11 -24.81 -18.08
CA GLU A 154 -10.88 -25.55 -17.90
C GLU A 154 -9.78 -24.76 -17.17
N ASN A 155 -9.71 -23.46 -17.42
CA ASN A 155 -8.68 -22.64 -16.78
C ASN A 155 -9.02 -22.33 -15.31
N ALA A 156 -10.17 -22.84 -14.88
CA ALA A 156 -10.64 -22.68 -13.50
C ALA A 156 -10.68 -24.02 -12.75
N VAL A 157 -9.83 -24.95 -13.15
CA VAL A 157 -9.75 -26.24 -12.48
C VAL A 157 -8.33 -26.75 -12.57
N ALA A 158 -7.83 -27.20 -11.43
CA ALA A 158 -6.48 -27.71 -11.32
C ALA A 158 -6.49 -29.18 -10.91
N LYS A 159 -5.63 -29.98 -11.54
CA LYS A 159 -5.47 -31.39 -11.25
C LYS A 159 -4.54 -31.52 -10.06
N ILE A 160 -4.94 -32.30 -9.07
CA ILE A 160 -4.14 -32.48 -7.87
C ILE A 160 -3.79 -33.95 -7.64
N ASP A 161 -2.95 -34.20 -6.65
CA ASP A 161 -2.49 -35.54 -6.29
C ASP A 161 -3.67 -36.51 -6.14
N ALA A 162 -3.59 -37.63 -6.86
CA ALA A 162 -4.65 -38.66 -6.84
C ALA A 162 -4.86 -39.28 -5.46
N ALA A 163 -3.84 -39.22 -4.63
CA ALA A 163 -3.91 -39.79 -3.29
C ALA A 163 -4.36 -38.78 -2.24
N SER A 164 -4.71 -37.57 -2.68
CA SER A 164 -5.13 -36.50 -1.76
C SER A 164 -6.42 -36.74 -0.99
N PRO A 165 -6.39 -36.52 0.33
CA PRO A 165 -7.62 -36.70 1.11
C PRO A 165 -8.46 -35.44 0.82
N LEU A 166 -9.42 -35.56 -0.08
CA LEU A 166 -10.25 -34.43 -0.50
C LEU A 166 -11.00 -33.68 0.61
N GLU A 167 -11.37 -34.40 1.67
CA GLU A 167 -12.07 -33.80 2.79
C GLU A 167 -11.19 -32.82 3.56
N LYS A 168 -9.89 -32.82 3.25
CA LYS A 168 -8.95 -31.92 3.91
C LYS A 168 -8.43 -30.91 2.90
N VAL A 169 -7.87 -31.39 1.79
CA VAL A 169 -7.31 -30.49 0.78
C VAL A 169 -8.28 -29.52 0.11
N CYS A 170 -9.59 -29.67 0.34
CA CYS A 170 -10.54 -28.72 -0.25
C CYS A 170 -10.25 -27.31 0.26
N LEU A 171 -9.67 -27.21 1.46
CA LEU A 171 -9.34 -25.92 2.08
C LEU A 171 -8.31 -25.14 1.26
N ILE A 172 -7.56 -25.85 0.43
CA ILE A 172 -6.56 -25.24 -0.45
C ILE A 172 -7.27 -24.47 -1.58
N GLY A 173 -8.55 -24.77 -1.75
CA GLY A 173 -9.37 -24.09 -2.75
C GLY A 173 -9.71 -22.65 -2.36
N CYS A 174 -9.54 -22.32 -1.08
CA CYS A 174 -9.74 -20.94 -0.62
C CYS A 174 -9.05 -20.55 0.69
N GLY A 175 -9.68 -20.90 1.81
CA GLY A 175 -9.18 -20.55 3.13
C GLY A 175 -7.69 -20.57 3.44
N PHE A 176 -7.09 -21.75 3.35
CA PHE A 176 -5.69 -21.90 3.66
C PHE A 176 -4.77 -21.11 2.75
N SER A 177 -4.92 -21.35 1.45
CA SER A 177 -4.12 -20.68 0.43
C SER A 177 -4.19 -19.16 0.57
N THR A 178 -5.40 -18.65 0.82
CA THR A 178 -5.61 -17.22 0.98
C THR A 178 -4.84 -16.71 2.20
N GLY A 179 -5.03 -17.38 3.34
CA GLY A 179 -4.37 -16.98 4.58
C GLY A 179 -2.86 -17.08 4.54
N TYR A 180 -2.36 -18.25 4.15
CA TYR A 180 -0.93 -18.51 4.06
C TYR A 180 -0.27 -17.56 3.07
N GLY A 181 -0.87 -17.45 1.88
CA GLY A 181 -0.37 -16.59 0.83
C GLY A 181 -0.32 -15.12 1.24
N SER A 182 -1.37 -14.63 1.88
CA SER A 182 -1.43 -13.25 2.34
C SER A 182 -0.20 -12.85 3.17
N ALA A 183 0.35 -13.80 3.92
CA ALA A 183 1.53 -13.54 4.74
C ALA A 183 2.84 -13.78 4.00
N VAL A 184 2.96 -14.94 3.37
CA VAL A 184 4.20 -15.31 2.69
C VAL A 184 4.46 -14.68 1.33
N LYS A 185 3.40 -14.44 0.56
CA LYS A 185 3.54 -13.89 -0.78
C LYS A 185 3.10 -12.43 -0.93
N VAL A 186 2.01 -12.05 -0.25
CA VAL A 186 1.48 -10.69 -0.34
C VAL A 186 2.24 -9.72 0.57
N ALA A 187 2.14 -9.93 1.88
CA ALA A 187 2.83 -9.09 2.85
C ALA A 187 4.34 -9.34 2.81
N LYS A 188 4.71 -10.59 2.49
CA LYS A 188 6.11 -11.01 2.46
C LYS A 188 6.74 -10.78 3.84
N VAL A 189 6.06 -11.30 4.86
CA VAL A 189 6.49 -11.22 6.26
C VAL A 189 7.95 -11.66 6.33
N THR A 190 8.78 -10.89 7.04
CA THR A 190 10.21 -11.21 7.18
C THR A 190 10.60 -11.80 8.55
N PRO A 191 11.71 -12.56 8.61
CA PRO A 191 12.16 -13.16 9.88
C PRO A 191 12.40 -12.12 10.96
N GLY A 192 11.96 -12.44 12.17
CA GLY A 192 12.14 -11.55 13.30
C GLY A 192 11.20 -10.35 13.41
N SER A 193 10.28 -10.22 12.47
CA SER A 193 9.32 -9.12 12.49
C SER A 193 8.16 -9.40 13.43
N THR A 194 7.34 -8.37 13.65
CA THR A 194 6.16 -8.47 14.50
C THR A 194 4.91 -8.35 13.63
N CYS A 195 3.92 -9.19 13.90
CA CYS A 195 2.68 -9.21 13.14
C CYS A 195 1.45 -9.19 14.04
N ALA A 196 0.37 -8.60 13.52
CA ALA A 196 -0.92 -8.53 14.20
C ALA A 196 -1.90 -9.10 13.20
N VAL A 197 -2.71 -10.06 13.65
CA VAL A 197 -3.72 -10.70 12.79
C VAL A 197 -5.12 -10.47 13.36
N PHE A 198 -5.92 -9.71 12.63
CA PHE A 198 -7.29 -9.40 13.03
C PHE A 198 -8.23 -10.48 12.41
N GLY A 199 -8.83 -11.32 13.25
CA GLY A 199 -9.73 -12.34 12.72
C GLY A 199 -9.09 -13.72 12.76
N LEU A 200 -9.69 -14.62 13.53
CA LEU A 200 -9.15 -15.97 13.68
C LEU A 200 -10.06 -17.08 13.17
N GLY A 201 -10.64 -16.88 11.99
CA GLY A 201 -11.47 -17.90 11.38
C GLY A 201 -10.50 -18.79 10.61
N GLY A 202 -11.00 -19.56 9.66
CA GLY A 202 -10.11 -20.43 8.90
C GLY A 202 -9.06 -19.65 8.12
N VAL A 203 -9.46 -18.51 7.56
CA VAL A 203 -8.50 -17.71 6.78
C VAL A 203 -7.47 -17.04 7.69
N GLY A 204 -7.93 -16.40 8.77
CA GLY A 204 -7.04 -15.73 9.70
C GLY A 204 -6.04 -16.63 10.37
N LEU A 205 -6.49 -17.82 10.77
CA LEU A 205 -5.58 -18.78 11.37
C LEU A 205 -4.55 -19.23 10.37
N SER A 206 -4.92 -19.25 9.08
CA SER A 206 -3.97 -19.63 8.04
C SER A 206 -2.92 -18.52 7.87
N VAL A 207 -3.33 -17.27 8.10
CA VAL A 207 -2.40 -16.12 8.05
C VAL A 207 -1.40 -16.32 9.20
N VAL A 208 -1.90 -16.72 10.38
CA VAL A 208 -1.02 -16.99 11.53
C VAL A 208 0.00 -18.05 11.10
N MET A 209 -0.47 -19.12 10.47
CA MET A 209 0.43 -20.18 10.01
C MET A 209 1.47 -19.63 9.04
N GLY A 210 1.05 -18.73 8.16
CA GLY A 210 1.97 -18.14 7.20
C GLY A 210 3.03 -17.29 7.90
N CYS A 211 2.61 -16.48 8.86
CA CYS A 211 3.51 -15.63 9.63
C CYS A 211 4.56 -16.48 10.37
N LYS A 212 4.12 -17.63 10.86
CA LYS A 212 4.99 -18.56 11.58
C LYS A 212 5.99 -19.15 10.60
N ALA A 213 5.51 -19.59 9.44
CA ALA A 213 6.36 -20.17 8.42
C ALA A 213 7.43 -19.17 7.98
N ALA A 214 7.07 -17.89 7.98
CA ALA A 214 7.97 -16.80 7.57
C ALA A 214 8.97 -16.40 8.65
N GLY A 215 8.83 -17.00 9.84
CA GLY A 215 9.75 -16.72 10.93
C GLY A 215 9.52 -15.48 11.77
N ALA A 216 8.28 -15.00 11.83
CA ALA A 216 7.97 -13.82 12.62
C ALA A 216 8.31 -14.05 14.09
N ALA A 217 8.85 -13.02 14.75
CA ALA A 217 9.22 -13.14 16.16
C ALA A 217 8.00 -13.02 17.07
N ARG A 218 7.02 -12.24 16.62
CA ARG A 218 5.81 -12.04 17.38
C ARG A 218 4.61 -12.08 16.42
N ILE A 219 3.57 -12.79 16.83
CA ILE A 219 2.35 -12.92 16.05
C ILE A 219 1.22 -12.73 17.05
N ILE A 220 0.66 -11.53 17.05
CA ILE A 220 -0.41 -11.17 17.96
C ILE A 220 -1.77 -11.37 17.31
N ALA A 221 -2.44 -12.42 17.74
CA ALA A 221 -3.75 -12.80 17.25
C ALA A 221 -4.83 -12.01 17.96
N VAL A 222 -5.66 -11.33 17.18
CA VAL A 222 -6.73 -10.50 17.71
C VAL A 222 -8.12 -11.00 17.28
N ASP A 223 -9.02 -11.11 18.25
CA ASP A 223 -10.38 -11.58 17.97
C ASP A 223 -11.25 -11.31 19.18
N ILE A 224 -12.53 -11.00 18.93
CA ILE A 224 -13.45 -10.75 20.03
C ILE A 224 -14.04 -12.06 20.55
N ASN A 225 -13.67 -13.19 19.94
CA ASN A 225 -14.14 -14.51 20.36
C ASN A 225 -12.98 -15.23 21.01
N LYS A 226 -12.92 -15.20 22.35
CA LYS A 226 -11.83 -15.85 23.07
C LYS A 226 -11.72 -17.36 22.85
N ASP A 227 -12.78 -17.97 22.33
CA ASP A 227 -12.79 -19.42 22.06
C ASP A 227 -11.85 -19.78 20.93
N LYS A 228 -11.45 -18.78 20.13
CA LYS A 228 -10.52 -19.00 19.01
C LYS A 228 -9.04 -18.94 19.41
N PHE A 229 -8.76 -18.49 20.63
CA PHE A 229 -7.38 -18.35 21.09
C PHE A 229 -6.52 -19.60 21.20
N ALA A 230 -7.06 -20.67 21.75
CA ALA A 230 -6.30 -21.93 21.87
C ALA A 230 -5.73 -22.36 20.54
N LYS A 231 -6.55 -22.34 19.49
CA LYS A 231 -6.09 -22.76 18.16
C LYS A 231 -5.09 -21.78 17.55
N ALA A 232 -5.27 -20.49 17.81
CA ALA A 232 -4.33 -19.47 17.31
C ALA A 232 -2.95 -19.78 17.89
N LYS A 233 -2.91 -20.07 19.19
CA LYS A 233 -1.67 -20.43 19.88
C LYS A 233 -1.07 -21.71 19.29
N GLU A 234 -1.91 -22.72 19.10
CA GLU A 234 -1.44 -23.97 18.52
C GLU A 234 -0.79 -23.74 17.15
N LEU A 235 -1.36 -22.81 16.38
CA LEU A 235 -0.85 -22.54 15.05
C LEU A 235 0.29 -21.54 14.95
N GLY A 236 0.66 -20.91 16.07
CA GLY A 236 1.77 -19.99 16.03
C GLY A 236 1.66 -18.64 16.70
N ALA A 237 0.46 -18.25 17.11
CA ALA A 237 0.29 -16.94 17.77
C ALA A 237 1.11 -16.92 19.04
N THR A 238 1.83 -15.83 19.27
CA THR A 238 2.64 -15.71 20.47
C THR A 238 1.81 -15.09 21.57
N GLU A 239 0.82 -14.29 21.16
CA GLU A 239 -0.09 -13.62 22.08
C GLU A 239 -1.49 -13.54 21.47
N CYS A 240 -2.50 -13.52 22.34
CA CYS A 240 -3.89 -13.40 21.89
C CYS A 240 -4.57 -12.33 22.72
N ILE A 241 -5.16 -11.34 22.04
CA ILE A 241 -5.84 -10.27 22.75
C ILE A 241 -7.22 -10.02 22.22
N ASN A 242 -8.13 -9.71 23.13
CA ASN A 242 -9.53 -9.45 22.80
C ASN A 242 -9.79 -7.96 23.00
N PRO A 243 -10.15 -7.23 21.92
CA PRO A 243 -10.44 -5.80 21.96
C PRO A 243 -11.40 -5.40 23.11
N GLN A 244 -12.41 -6.24 23.34
CA GLN A 244 -13.40 -6.00 24.39
C GLN A 244 -12.83 -5.97 25.80
N ASP A 245 -11.63 -6.50 25.98
CA ASP A 245 -10.99 -6.52 27.30
C ASP A 245 -10.31 -5.22 27.67
N TYR A 246 -10.21 -4.31 26.70
CA TYR A 246 -9.53 -3.03 26.91
C TYR A 246 -10.44 -1.82 26.86
N LYS A 247 -10.04 -0.77 27.58
CA LYS A 247 -10.79 0.49 27.61
C LYS A 247 -10.43 1.40 26.43
N LYS A 248 -9.23 1.24 25.89
CA LYS A 248 -8.77 2.04 24.77
C LYS A 248 -8.89 1.28 23.45
N PRO A 249 -8.86 1.99 22.31
CA PRO A 249 -8.97 1.37 20.98
C PRO A 249 -7.90 0.31 20.82
N ILE A 250 -8.23 -0.77 20.12
CA ILE A 250 -7.28 -1.84 19.92
C ILE A 250 -5.97 -1.42 19.22
N GLN A 251 -6.04 -0.49 18.27
CA GLN A 251 -4.80 -0.07 17.60
C GLN A 251 -3.81 0.56 18.60
N GLU A 252 -4.32 1.26 19.60
CA GLU A 252 -3.43 1.84 20.61
C GLU A 252 -2.88 0.76 21.54
N VAL A 253 -3.70 -0.23 21.85
CA VAL A 253 -3.26 -1.34 22.71
C VAL A 253 -2.09 -2.04 22.03
N LEU A 254 -2.23 -2.30 20.73
CA LEU A 254 -1.19 -2.96 19.94
C LEU A 254 0.07 -2.13 19.79
N LYS A 255 -0.11 -0.83 19.54
CA LYS A 255 1.05 0.07 19.40
C LYS A 255 1.84 0.14 20.71
N GLU A 256 1.13 0.16 21.85
CA GLU A 256 1.80 0.19 23.16
C GLU A 256 2.55 -1.09 23.47
N MET A 257 2.08 -2.21 22.91
CA MET A 257 2.70 -3.53 23.11
C MET A 257 3.89 -3.76 22.20
N THR A 258 3.98 -3.00 21.11
CA THR A 258 5.01 -3.22 20.09
C THR A 258 5.90 -2.03 19.67
N ASP A 259 6.22 -1.13 20.60
CA ASP A 259 7.11 0.00 20.30
C ASP A 259 6.63 0.84 19.12
N GLY A 260 5.39 1.30 19.18
CA GLY A 260 4.84 2.13 18.12
C GLY A 260 4.05 1.44 17.03
N GLY A 261 3.99 0.11 17.05
CA GLY A 261 3.23 -0.62 16.04
C GLY A 261 3.94 -1.82 15.44
N VAL A 262 3.15 -2.73 14.87
CA VAL A 262 3.70 -3.92 14.26
C VAL A 262 4.28 -3.63 12.88
N ASP A 263 5.12 -4.53 12.39
CA ASP A 263 5.70 -4.40 11.07
C ASP A 263 4.67 -4.84 10.01
N PHE A 264 3.81 -5.79 10.38
CA PHE A 264 2.81 -6.32 9.44
C PHE A 264 1.48 -6.58 10.13
N SER A 265 0.42 -5.97 9.62
CA SER A 265 -0.91 -6.21 10.18
C SER A 265 -1.80 -6.74 9.07
N PHE A 266 -2.72 -7.61 9.45
CA PHE A 266 -3.62 -8.22 8.50
C PHE A 266 -5.04 -8.14 9.01
N GLU A 267 -5.96 -7.70 8.15
CA GLU A 267 -7.36 -7.67 8.55
C GLU A 267 -7.97 -8.87 7.83
N VAL A 268 -8.50 -9.81 8.59
CA VAL A 268 -9.07 -11.01 7.98
C VAL A 268 -10.48 -11.22 8.55
N ILE A 269 -11.27 -10.16 8.51
CA ILE A 269 -12.63 -10.15 9.04
C ILE A 269 -13.63 -9.66 7.99
N GLY A 270 -13.42 -8.43 7.52
CA GLY A 270 -14.29 -7.87 6.51
C GLY A 270 -15.12 -6.70 7.02
N GLN A 271 -14.65 -6.03 8.07
CA GLN A 271 -15.38 -4.90 8.63
C GLN A 271 -14.57 -3.60 8.55
N LEU A 272 -15.26 -2.50 8.29
CA LEU A 272 -14.60 -1.20 8.17
C LEU A 272 -13.79 -0.81 9.40
N ASP A 273 -14.38 -0.87 10.60
CA ASP A 273 -13.62 -0.49 11.78
C ASP A 273 -12.35 -1.30 12.02
N THR A 274 -12.37 -2.59 11.71
CA THR A 274 -11.18 -3.42 11.90
C THR A 274 -10.16 -3.17 10.81
N MET A 275 -10.60 -2.78 9.62
CA MET A 275 -9.65 -2.46 8.54
C MET A 275 -8.87 -1.21 8.97
N MET A 276 -9.57 -0.28 9.62
CA MET A 276 -8.97 0.95 10.14
C MET A 276 -8.02 0.65 11.30
N ALA A 277 -8.49 -0.14 12.27
CA ALA A 277 -7.64 -0.53 13.42
C ALA A 277 -6.36 -1.21 12.93
N SER A 278 -6.53 -2.05 11.91
CA SER A 278 -5.41 -2.80 11.34
C SER A 278 -4.41 -1.85 10.66
N LEU A 279 -4.91 -0.89 9.89
CA LEU A 279 -4.00 0.05 9.23
C LEU A 279 -3.30 0.90 10.33
N LEU A 280 -4.08 1.40 11.28
CA LEU A 280 -3.56 2.23 12.36
C LEU A 280 -2.58 1.54 13.31
N CYS A 281 -2.70 0.22 13.44
CA CYS A 281 -1.82 -0.52 14.35
C CYS A 281 -0.44 -0.89 13.81
N CYS A 282 -0.20 -0.78 12.51
CA CYS A 282 1.16 -1.05 12.03
C CYS A 282 1.95 0.28 12.15
N HIS A 283 3.26 0.22 12.36
CA HIS A 283 4.06 1.44 12.55
C HIS A 283 3.95 2.44 11.39
N GLU A 284 3.61 3.69 11.68
CA GLU A 284 3.47 4.71 10.65
C GLU A 284 4.67 4.87 9.73
N ALA A 285 5.84 4.46 10.20
CA ALA A 285 7.07 4.60 9.43
C ALA A 285 7.61 3.37 8.73
N CYS A 286 7.23 2.17 9.19
CA CYS A 286 7.73 0.96 8.58
C CYS A 286 6.71 -0.16 8.39
N GLY A 287 5.47 0.09 8.78
CA GLY A 287 4.43 -0.92 8.69
C GLY A 287 3.79 -1.16 7.34
N THR A 288 3.32 -2.39 7.17
CA THR A 288 2.64 -2.82 5.95
C THR A 288 1.31 -3.43 6.45
N SER A 289 0.19 -3.01 5.89
CA SER A 289 -1.09 -3.57 6.30
C SER A 289 -1.79 -4.23 5.13
N VAL A 290 -2.15 -5.51 5.28
CA VAL A 290 -2.82 -6.25 4.22
C VAL A 290 -4.31 -6.49 4.45
N ILE A 291 -5.12 -6.10 3.48
CA ILE A 291 -6.57 -6.32 3.57
C ILE A 291 -6.86 -7.69 2.97
N VAL A 292 -7.36 -8.59 3.80
CA VAL A 292 -7.74 -9.93 3.33
C VAL A 292 -9.27 -10.05 3.39
N GLY A 293 -9.86 -9.50 4.44
CA GLY A 293 -11.31 -9.54 4.60
C GLY A 293 -12.05 -8.81 3.49
N VAL A 294 -13.19 -9.35 3.10
CA VAL A 294 -14.02 -8.76 2.04
C VAL A 294 -14.93 -7.75 2.71
N PRO A 295 -14.77 -6.46 2.35
CA PRO A 295 -15.56 -5.37 2.92
C PRO A 295 -17.03 -5.43 2.54
N PRO A 296 -17.90 -4.83 3.37
CA PRO A 296 -19.33 -4.82 3.09
C PRO A 296 -19.60 -3.96 1.84
N ASP A 297 -20.50 -4.43 1.00
CA ASP A 297 -20.81 -3.74 -0.25
C ASP A 297 -21.15 -2.26 -0.11
N SER A 298 -20.66 -1.46 -1.04
CA SER A 298 -20.93 -0.03 -1.05
C SER A 298 -20.64 0.71 0.26
N GLN A 299 -19.43 0.54 0.77
CA GLN A 299 -19.01 1.22 1.98
C GLN A 299 -17.58 1.71 1.83
N ASN A 300 -17.31 2.93 2.27
CA ASN A 300 -15.98 3.51 2.16
C ASN A 300 -15.36 3.74 3.53
N LEU A 301 -14.04 3.86 3.51
CA LEU A 301 -13.26 4.19 4.69
C LEU A 301 -12.93 5.68 4.50
N SER A 302 -12.72 6.40 5.60
CA SER A 302 -12.35 7.81 5.57
C SER A 302 -10.91 7.83 6.07
N ILE A 303 -9.95 8.02 5.16
CA ILE A 303 -8.56 8.02 5.56
C ILE A 303 -7.78 9.29 5.25
N ASN A 304 -6.97 9.69 6.22
CA ASN A 304 -6.12 10.87 6.08
C ASN A 304 -4.84 10.37 5.43
N PRO A 305 -4.51 10.88 4.22
CA PRO A 305 -3.32 10.53 3.44
C PRO A 305 -2.01 10.51 4.24
N MET A 306 -1.97 11.29 5.33
CA MET A 306 -0.77 11.32 6.17
C MET A 306 -0.47 9.96 6.79
N LEU A 307 -1.48 9.11 6.92
CA LEU A 307 -1.29 7.76 7.46
C LEU A 307 -0.34 6.99 6.56
N LEU A 308 -0.39 7.29 5.27
CA LEU A 308 0.50 6.64 4.32
C LEU A 308 1.81 7.41 4.10
N LEU A 309 1.73 8.73 4.08
CA LEU A 309 2.89 9.61 3.81
C LEU A 309 4.12 9.38 4.69
N THR A 310 3.90 9.06 5.96
CA THR A 310 5.00 8.79 6.90
C THR A 310 5.81 7.54 6.56
N GLY A 311 5.27 6.62 5.77
CA GLY A 311 6.04 5.45 5.38
C GLY A 311 5.33 4.09 5.38
N ARG A 312 4.00 4.10 5.49
CA ARG A 312 3.22 2.84 5.49
C ARG A 312 2.93 2.34 4.08
N THR A 313 2.71 1.03 4.00
CA THR A 313 2.35 0.35 2.75
C THR A 313 1.01 -0.32 3.08
N TRP A 314 -0.01 -0.06 2.29
CA TRP A 314 -1.35 -0.60 2.49
C TRP A 314 -1.68 -1.31 1.19
N LYS A 315 -1.98 -2.61 1.26
CA LYS A 315 -2.31 -3.39 0.07
C LYS A 315 -3.35 -4.48 0.36
N GLY A 316 -3.90 -5.05 -0.71
CA GLY A 316 -4.89 -6.12 -0.56
C GLY A 316 -4.59 -7.20 -1.58
N ALA A 317 -5.26 -8.34 -1.47
CA ALA A 317 -5.06 -9.45 -2.41
C ALA A 317 -6.19 -10.47 -2.36
N ILE A 318 -6.29 -11.22 -3.45
CA ILE A 318 -7.29 -12.26 -3.59
C ILE A 318 -6.54 -13.58 -3.68
N PHE A 319 -7.02 -14.58 -2.95
CA PHE A 319 -6.42 -15.89 -2.98
C PHE A 319 -4.95 -15.91 -2.59
N GLY A 320 -4.57 -15.07 -1.63
CA GLY A 320 -3.18 -15.03 -1.17
C GLY A 320 -2.16 -14.69 -2.23
N GLY A 321 -2.62 -14.05 -3.31
CA GLY A 321 -1.75 -13.68 -4.40
C GLY A 321 -1.31 -14.87 -5.26
N PHE A 322 -1.78 -16.08 -4.94
CA PHE A 322 -1.38 -17.26 -5.71
C PHE A 322 -1.96 -17.33 -7.12
N LYS A 323 -1.11 -17.60 -8.11
CA LYS A 323 -1.62 -17.77 -9.48
C LYS A 323 -2.25 -19.15 -9.31
N SER A 324 -3.57 -19.17 -9.32
CA SER A 324 -4.34 -20.37 -9.05
C SER A 324 -3.97 -21.72 -9.64
N LYS A 325 -4.04 -21.85 -10.96
CA LYS A 325 -3.77 -23.13 -11.62
C LYS A 325 -2.38 -23.70 -11.40
N GLU A 326 -1.37 -22.84 -11.39
CA GLU A 326 -0.03 -23.34 -11.17
C GLU A 326 0.28 -23.59 -9.69
N SER A 327 -0.35 -22.82 -8.81
CA SER A 327 -0.08 -22.93 -7.37
C SER A 327 -0.86 -24.05 -6.64
N VAL A 328 -2.15 -24.20 -6.92
CA VAL A 328 -2.96 -25.22 -6.23
C VAL A 328 -2.34 -26.63 -6.23
N PRO A 329 -1.85 -27.12 -7.38
CA PRO A 329 -1.25 -28.46 -7.40
C PRO A 329 0.00 -28.55 -6.53
N LYS A 330 0.79 -27.47 -6.51
CA LYS A 330 2.01 -27.44 -5.70
C LYS A 330 1.69 -27.38 -4.22
N LEU A 331 0.65 -26.63 -3.88
CA LEU A 331 0.22 -26.52 -2.49
C LEU A 331 -0.28 -27.88 -2.01
N VAL A 332 -0.93 -28.63 -2.89
CA VAL A 332 -1.40 -29.97 -2.53
C VAL A 332 -0.20 -30.91 -2.37
N ALA A 333 0.77 -30.79 -3.28
CA ALA A 333 1.98 -31.61 -3.20
C ALA A 333 2.70 -31.32 -1.88
N ASP A 334 2.68 -30.07 -1.44
CA ASP A 334 3.30 -29.69 -0.17
C ASP A 334 2.56 -30.34 0.99
N PHE A 335 1.22 -30.29 0.95
CA PHE A 335 0.38 -30.91 1.99
C PHE A 335 0.72 -32.40 2.04
N MET A 336 0.78 -33.03 0.87
CA MET A 336 1.09 -34.45 0.77
C MET A 336 2.51 -34.81 1.22
N ALA A 337 3.38 -33.80 1.35
CA ALA A 337 4.74 -34.01 1.82
C ALA A 337 4.80 -33.59 3.29
N LYS A 338 3.62 -33.32 3.85
CA LYS A 338 3.43 -32.90 5.24
C LYS A 338 4.20 -31.62 5.59
N LYS A 339 4.22 -30.68 4.64
CA LYS A 339 4.91 -29.39 4.85
C LYS A 339 4.07 -28.48 5.73
N PHE A 340 2.77 -28.79 5.80
CA PHE A 340 1.82 -28.07 6.64
C PHE A 340 0.65 -29.00 6.94
N SER A 341 -0.09 -28.70 7.99
CA SER A 341 -1.24 -29.50 8.41
C SER A 341 -2.51 -28.65 8.33
N LEU A 342 -3.63 -29.32 8.04
CA LEU A 342 -4.91 -28.65 7.95
C LEU A 342 -5.93 -29.15 8.98
N ASP A 343 -5.56 -30.18 9.74
CA ASP A 343 -6.48 -30.74 10.75
C ASP A 343 -7.10 -29.72 11.69
N ALA A 344 -6.26 -28.88 12.29
CA ALA A 344 -6.73 -27.87 13.25
C ALA A 344 -7.79 -26.91 12.70
N LEU A 345 -7.77 -26.66 11.40
CA LEU A 345 -8.75 -25.76 10.78
C LEU A 345 -10.12 -26.41 10.62
N ILE A 346 -10.15 -27.73 10.47
CA ILE A 346 -11.42 -28.44 10.29
C ILE A 346 -11.99 -28.87 11.62
N THR A 347 -12.97 -28.12 12.11
CA THR A 347 -13.59 -28.41 13.40
C THR A 347 -14.87 -29.25 13.31
N ASN A 348 -15.54 -29.20 12.15
CA ASN A 348 -16.80 -29.94 11.97
C ASN A 348 -16.87 -30.52 10.58
N VAL A 349 -17.39 -31.76 10.48
CA VAL A 349 -17.58 -32.44 9.20
C VAL A 349 -19.03 -32.89 9.19
N LEU A 350 -19.79 -32.37 8.23
CA LEU A 350 -21.20 -32.72 8.10
C LEU A 350 -21.51 -33.15 6.70
N PRO A 351 -22.63 -33.87 6.50
CA PRO A 351 -22.98 -34.29 5.16
C PRO A 351 -23.52 -33.04 4.46
N PHE A 352 -23.37 -33.00 3.14
CA PHE A 352 -23.82 -31.87 2.34
C PHE A 352 -25.25 -31.47 2.66
N GLU A 353 -26.09 -32.45 2.92
CA GLU A 353 -27.49 -32.22 3.26
C GLU A 353 -27.65 -31.28 4.46
N LYS A 354 -26.65 -31.25 5.32
CA LYS A 354 -26.68 -30.38 6.49
C LYS A 354 -25.94 -29.06 6.31
N ILE A 355 -25.94 -28.56 5.07
CA ILE A 355 -25.29 -27.30 4.76
C ILE A 355 -25.81 -26.14 5.62
N ASN A 356 -27.13 -26.03 5.78
CA ASN A 356 -27.70 -24.96 6.59
C ASN A 356 -27.19 -24.99 8.03
N GLU A 357 -27.04 -26.20 8.58
CA GLU A 357 -26.53 -26.39 9.93
C GLU A 357 -25.08 -25.90 9.96
N GLY A 358 -24.30 -26.27 8.95
CA GLY A 358 -22.91 -25.83 8.86
C GLY A 358 -22.80 -24.31 8.84
N PHE A 359 -23.75 -23.65 8.18
CA PHE A 359 -23.76 -22.18 8.12
C PHE A 359 -24.15 -21.59 9.47
N ASP A 360 -25.02 -22.27 10.21
CA ASP A 360 -25.40 -21.80 11.55
C ASP A 360 -24.19 -21.89 12.47
N LEU A 361 -23.35 -22.89 12.28
CA LEU A 361 -22.14 -23.04 13.08
C LEU A 361 -21.21 -21.83 12.85
N LEU A 362 -21.01 -21.46 11.59
CA LEU A 362 -20.17 -20.31 11.25
C LEU A 362 -20.71 -19.05 11.91
N ARG A 363 -22.00 -18.79 11.69
CA ARG A 363 -22.66 -17.62 12.26
C ARG A 363 -22.53 -17.51 13.77
N SER A 364 -22.57 -18.65 14.45
CA SER A 364 -22.47 -18.67 15.91
C SER A 364 -21.03 -18.55 16.42
N GLY A 365 -20.06 -18.70 15.51
CA GLY A 365 -18.65 -18.63 15.89
C GLY A 365 -18.16 -19.90 16.58
N LYS A 366 -18.94 -20.96 16.46
CA LYS A 366 -18.59 -22.23 17.09
C LYS A 366 -17.64 -23.05 16.25
N SER A 367 -17.50 -22.72 14.98
CA SER A 367 -16.62 -23.47 14.11
C SER A 367 -15.62 -22.60 13.37
N ILE A 368 -14.57 -23.24 12.88
CA ILE A 368 -13.56 -22.58 12.06
C ILE A 368 -14.04 -23.04 10.68
N ARG A 369 -13.53 -24.16 10.18
CA ARG A 369 -14.00 -24.67 8.90
C ARG A 369 -14.85 -25.94 9.07
N THR A 370 -16.06 -25.89 8.55
CA THR A 370 -16.93 -27.05 8.52
C THR A 370 -16.79 -27.56 7.08
N VAL A 371 -16.47 -28.83 6.92
CA VAL A 371 -16.34 -29.41 5.58
C VAL A 371 -17.56 -30.28 5.35
N LEU A 372 -18.21 -30.08 4.21
CA LEU A 372 -19.39 -30.84 3.82
C LEU A 372 -18.99 -32.03 2.94
N THR A 373 -19.54 -33.21 3.24
CA THR A 373 -19.26 -34.40 2.44
C THR A 373 -20.44 -34.73 1.51
N PHE A 374 -20.14 -34.99 0.24
CA PHE A 374 -21.18 -35.32 -0.74
C PHE A 374 -21.48 -36.82 -0.80
N SER B 1 35.24 33.96 17.92
CA SER B 1 35.01 35.17 17.05
C SER B 1 33.48 35.40 17.11
N THR B 2 32.71 34.49 16.52
CA THR B 2 31.25 34.52 16.60
C THR B 2 30.94 33.22 17.33
N ALA B 3 31.94 32.35 17.44
CA ALA B 3 31.84 31.06 18.12
C ALA B 3 31.49 31.26 19.59
N GLY B 4 30.49 30.55 20.06
CA GLY B 4 30.07 30.66 21.46
C GLY B 4 29.27 31.92 21.75
N LYS B 5 29.12 32.76 20.76
CA LYS B 5 28.40 34.03 20.89
C LYS B 5 27.10 34.01 20.08
N VAL B 6 26.18 34.88 20.46
CA VAL B 6 24.92 35.01 19.75
C VAL B 6 25.19 35.78 18.46
N ILE B 7 24.57 35.36 17.37
CA ILE B 7 24.75 36.01 16.08
C ILE B 7 23.54 36.85 15.71
N LYS B 8 23.78 38.05 15.18
CA LYS B 8 22.71 38.91 14.76
C LYS B 8 22.73 38.86 13.23
N CYS B 9 21.61 38.50 12.61
CA CYS B 9 21.54 38.42 11.16
C CYS B 9 20.13 38.66 10.64
N LYS B 10 19.91 38.38 9.36
CA LYS B 10 18.60 38.57 8.75
C LYS B 10 17.93 37.20 8.50
N ALA B 11 16.60 37.16 8.59
CA ALA B 11 15.85 35.93 8.34
C ALA B 11 14.44 36.30 7.88
N ALA B 12 13.87 35.46 7.03
CA ALA B 12 12.52 35.69 6.53
C ALA B 12 11.56 35.06 7.54
N VAL B 13 10.84 35.91 8.26
CA VAL B 13 9.89 35.47 9.27
C VAL B 13 8.46 35.55 8.73
N LEU B 14 7.66 34.55 9.06
CA LEU B 14 6.27 34.52 8.66
C LEU B 14 5.53 34.74 9.98
N TRP B 15 4.87 35.89 10.10
CA TRP B 15 4.14 36.25 11.31
C TRP B 15 2.66 35.93 11.20
N GLU B 16 2.15 35.92 9.99
CA GLU B 16 0.72 35.68 9.76
C GLU B 16 0.48 34.87 8.49
N LEU B 17 -0.57 34.06 8.49
CA LEU B 17 -0.90 33.25 7.34
C LEU B 17 -1.35 34.14 6.18
N LYS B 18 -0.99 33.72 4.97
CA LYS B 18 -1.37 34.41 3.74
C LYS B 18 -0.74 35.79 3.55
N LYS B 19 0.31 36.05 4.32
CA LYS B 19 1.01 37.32 4.23
C LYS B 19 2.42 37.11 3.72
N PRO B 20 3.04 38.17 3.17
CA PRO B 20 4.41 38.04 2.65
C PRO B 20 5.37 37.82 3.80
N PHE B 21 6.53 37.22 3.52
CA PHE B 21 7.55 37.04 4.55
C PHE B 21 8.11 38.43 4.86
N SER B 22 8.63 38.60 6.08
CA SER B 22 9.24 39.85 6.51
C SER B 22 10.70 39.57 6.83
N ILE B 23 11.61 40.20 6.09
CA ILE B 23 13.05 40.05 6.35
C ILE B 23 13.26 40.84 7.64
N GLU B 24 13.62 40.12 8.70
CA GLU B 24 13.80 40.71 10.02
C GLU B 24 15.20 40.50 10.57
N GLU B 25 15.59 41.37 11.49
CA GLU B 25 16.86 41.22 12.18
C GLU B 25 16.51 40.20 13.27
N VAL B 26 17.30 39.13 13.36
CA VAL B 26 17.04 38.11 14.37
C VAL B 26 18.31 37.73 15.11
N GLU B 27 18.13 37.14 16.28
CA GLU B 27 19.26 36.68 17.07
C GLU B 27 19.25 35.16 17.02
N VAL B 28 20.43 34.60 16.74
CA VAL B 28 20.61 33.16 16.65
C VAL B 28 21.58 32.72 17.74
N ALA B 29 21.06 32.00 18.72
CA ALA B 29 21.86 31.51 19.83
C ALA B 29 22.95 30.55 19.40
N PRO B 30 24.05 30.47 20.17
CA PRO B 30 25.14 29.56 19.81
C PRO B 30 24.58 28.14 19.93
N PRO B 31 25.21 27.17 19.25
CA PRO B 31 24.75 25.77 19.29
C PRO B 31 25.01 25.06 20.61
N LYS B 32 23.99 24.39 21.15
CA LYS B 32 24.15 23.66 22.39
C LYS B 32 24.87 22.37 22.03
N ALA B 33 24.98 21.46 23.00
CA ALA B 33 25.65 20.18 22.78
C ALA B 33 24.97 19.43 21.63
N HIS B 34 25.78 18.84 20.75
CA HIS B 34 25.30 18.08 19.61
C HIS B 34 24.47 18.88 18.62
N GLU B 35 24.77 20.17 18.51
CA GLU B 35 24.11 21.07 17.57
C GLU B 35 25.15 21.74 16.69
N VAL B 36 24.71 22.24 15.54
CA VAL B 36 25.58 22.87 14.57
C VAL B 36 24.96 24.17 14.05
N ARG B 37 25.73 25.27 14.06
CA ARG B 37 25.23 26.53 13.54
C ARG B 37 25.80 26.64 12.12
N ILE B 38 24.92 26.93 11.18
CA ILE B 38 25.27 26.98 9.77
C ILE B 38 25.03 28.33 9.10
N LYS B 39 25.99 28.75 8.28
CA LYS B 39 25.86 29.98 7.51
C LYS B 39 25.25 29.49 6.20
N MET B 40 24.02 29.91 5.92
CA MET B 40 23.35 29.49 4.69
C MET B 40 23.96 30.14 3.47
N VAL B 41 24.05 29.35 2.39
CA VAL B 41 24.59 29.83 1.13
C VAL B 41 23.53 29.81 0.05
N ALA B 42 22.68 28.78 0.04
CA ALA B 42 21.63 28.69 -0.98
C ALA B 42 20.41 27.94 -0.43
N ALA B 43 19.21 28.33 -0.85
CA ALA B 43 17.97 27.71 -0.40
C ALA B 43 16.96 27.71 -1.51
N GLY B 44 16.36 26.55 -1.77
CA GLY B 44 15.36 26.43 -2.80
C GLY B 44 13.97 26.70 -2.24
N ILE B 45 13.05 27.11 -3.11
CA ILE B 45 11.68 27.37 -2.70
C ILE B 45 10.83 26.16 -3.10
N CYS B 46 10.37 25.43 -2.10
CA CYS B 46 9.55 24.23 -2.29
C CYS B 46 8.08 24.50 -1.99
N ARG B 47 7.17 23.81 -2.69
CA ARG B 47 5.74 24.00 -2.44
C ARG B 47 5.35 23.82 -0.98
N SER B 48 6.01 22.92 -0.27
CA SER B 48 5.68 22.71 1.15
C SER B 48 5.84 23.98 1.99
N ASP B 49 6.83 24.79 1.65
CA ASP B 49 7.03 26.06 2.37
C ASP B 49 5.79 26.90 2.13
N GLU B 50 5.34 26.95 0.88
CA GLU B 50 4.15 27.69 0.49
C GLU B 50 2.89 27.12 1.15
N HIS B 51 2.86 25.81 1.40
CA HIS B 51 1.71 25.19 2.06
C HIS B 51 1.48 25.83 3.43
N VAL B 52 2.57 26.21 4.10
CA VAL B 52 2.50 26.84 5.42
C VAL B 52 1.86 28.22 5.26
N VAL B 53 2.38 29.00 4.32
CA VAL B 53 1.84 30.33 4.04
C VAL B 53 0.32 30.27 3.81
N SER B 54 -0.12 29.40 2.90
CA SER B 54 -1.53 29.26 2.57
C SER B 54 -2.43 28.65 3.66
N GLY B 55 -1.82 28.01 4.65
CA GLY B 55 -2.58 27.39 5.72
C GLY B 55 -2.88 25.92 5.47
N ASN B 56 -2.37 25.40 4.35
CA ASN B 56 -2.55 24.01 3.95
C ASN B 56 -1.77 23.05 4.85
N LEU B 57 -0.60 23.50 5.30
CA LEU B 57 0.25 22.71 6.19
C LEU B 57 0.35 23.51 7.48
N VAL B 58 -0.29 23.02 8.53
CA VAL B 58 -0.27 23.71 9.82
C VAL B 58 1.07 23.64 10.55
N THR B 59 1.49 24.77 11.10
CA THR B 59 2.73 24.87 11.85
C THR B 59 2.60 26.09 12.77
N PRO B 60 3.24 26.06 13.95
CA PRO B 60 3.16 27.21 14.86
C PRO B 60 3.86 28.46 14.35
N LEU B 61 3.18 29.60 14.48
CA LEU B 61 3.66 30.90 14.05
C LEU B 61 3.96 31.74 15.31
N PRO B 62 4.91 32.68 15.23
CA PRO B 62 5.73 33.00 14.06
C PRO B 62 6.78 31.92 13.79
N VAL B 63 7.21 31.81 12.54
CA VAL B 63 8.16 30.78 12.18
C VAL B 63 9.05 31.19 11.04
N ILE B 64 10.24 30.60 11.00
CA ILE B 64 11.20 30.78 9.92
C ILE B 64 11.14 29.49 9.09
N LEU B 65 10.55 29.57 7.90
CA LEU B 65 10.42 28.43 7.00
C LEU B 65 11.73 28.11 6.28
N GLY B 66 11.65 27.24 5.27
CA GLY B 66 12.84 26.83 4.54
C GLY B 66 13.39 25.50 5.02
N HIS B 67 13.58 24.57 4.11
CA HIS B 67 14.08 23.24 4.49
C HIS B 67 14.92 22.62 3.40
N GLU B 68 14.95 23.24 2.23
CA GLU B 68 15.72 22.76 1.09
C GLU B 68 16.90 23.72 0.96
N ALA B 69 18.07 23.34 1.45
CA ALA B 69 19.21 24.26 1.41
C ALA B 69 20.59 23.65 1.58
N ALA B 70 21.59 24.53 1.55
CA ALA B 70 22.98 24.14 1.71
C ALA B 70 23.75 25.33 2.26
N GLY B 71 24.73 25.04 3.12
CA GLY B 71 25.51 26.09 3.72
C GLY B 71 26.87 25.62 4.18
N ILE B 72 27.46 26.39 5.07
CA ILE B 72 28.78 26.10 5.58
C ILE B 72 28.77 26.24 7.09
N VAL B 73 29.29 25.22 7.76
CA VAL B 73 29.34 25.20 9.23
C VAL B 73 30.11 26.36 9.82
N GLU B 74 29.43 27.17 10.62
CA GLU B 74 30.08 28.29 11.27
C GLU B 74 30.71 27.81 12.58
N SER B 75 29.96 26.99 13.32
CA SER B 75 30.45 26.45 14.59
C SER B 75 29.67 25.19 15.02
N VAL B 76 30.24 24.44 15.96
CA VAL B 76 29.62 23.23 16.46
C VAL B 76 29.58 23.23 17.99
N GLY B 77 28.62 22.51 18.56
CA GLY B 77 28.50 22.43 20.00
C GLY B 77 29.36 21.29 20.54
N GLU B 78 29.27 21.05 21.86
CA GLU B 78 30.03 19.97 22.51
C GLU B 78 29.61 18.60 21.97
N GLY B 79 30.59 17.72 21.81
CA GLY B 79 30.30 16.38 21.34
C GLY B 79 30.14 16.17 19.84
N VAL B 80 30.08 17.24 19.06
CA VAL B 80 29.94 17.11 17.60
C VAL B 80 31.18 16.47 16.98
N THR B 81 30.97 15.39 16.24
CA THR B 81 32.06 14.65 15.63
C THR B 81 31.89 14.42 14.13
N THR B 82 30.70 14.66 13.60
CA THR B 82 30.46 14.42 12.18
C THR B 82 30.72 15.58 11.22
N VAL B 83 30.73 16.81 11.75
CA VAL B 83 31.02 18.00 10.93
C VAL B 83 31.94 18.94 11.71
N LYS B 84 32.64 19.80 10.99
CA LYS B 84 33.56 20.76 11.61
C LYS B 84 33.41 22.13 10.94
N PRO B 85 33.81 23.21 11.63
CA PRO B 85 33.70 24.55 11.03
C PRO B 85 34.34 24.58 9.64
N GLY B 86 33.65 25.18 8.69
CA GLY B 86 34.16 25.25 7.33
C GLY B 86 33.64 24.14 6.43
N ASP B 87 33.00 23.13 7.00
CA ASP B 87 32.47 22.02 6.19
C ASP B 87 31.24 22.46 5.42
N LYS B 88 31.10 21.98 4.19
CA LYS B 88 29.90 22.29 3.41
C LYS B 88 28.90 21.22 3.83
N VAL B 89 27.68 21.63 4.08
CA VAL B 89 26.64 20.69 4.54
C VAL B 89 25.26 20.99 3.98
N ILE B 90 24.39 20.01 4.14
CA ILE B 90 23.00 20.14 3.73
C ILE B 90 22.17 19.74 4.94
N PRO B 91 21.33 20.68 5.45
CA PRO B 91 20.47 20.37 6.60
C PRO B 91 19.43 19.35 6.19
N LEU B 92 19.05 18.49 7.14
CA LEU B 92 18.08 17.42 6.90
C LEU B 92 16.77 17.64 7.64
N PHE B 93 15.71 17.96 6.89
CA PHE B 93 14.38 18.17 7.50
C PHE B 93 13.85 16.86 8.13
N THR B 94 14.35 15.73 7.64
CA THR B 94 14.01 14.42 8.18
C THR B 94 15.34 13.99 8.80
N PRO B 95 15.42 14.00 10.14
CA PRO B 95 16.67 13.61 10.81
C PRO B 95 17.02 12.13 10.68
N GLN B 96 18.25 11.79 11.08
CA GLN B 96 18.70 10.41 11.10
C GLN B 96 19.52 10.21 12.37
N CYS B 97 18.84 10.08 13.52
CA CYS B 97 19.53 9.89 14.80
C CYS B 97 20.38 8.60 14.81
N GLY B 98 20.02 7.66 13.94
CA GLY B 98 20.73 6.40 13.84
C GLY B 98 20.50 5.40 14.98
N LYS B 99 19.84 5.83 16.04
CA LYS B 99 19.61 4.97 17.22
C LYS B 99 18.18 4.44 17.43
N CYS B 100 17.20 5.07 16.80
CA CYS B 100 15.82 4.66 16.99
C CYS B 100 15.39 3.46 16.14
N ARG B 101 14.27 2.84 16.52
CA ARG B 101 13.77 1.69 15.80
C ARG B 101 13.76 1.93 14.30
N ILE B 102 13.25 3.08 13.89
CA ILE B 102 13.14 3.41 12.48
C ILE B 102 14.48 3.59 11.76
N CYS B 103 15.44 4.28 12.39
CA CYS B 103 16.77 4.46 11.79
C CYS B 103 17.47 3.10 11.66
N LYS B 104 17.15 2.18 12.58
CA LYS B 104 17.75 0.84 12.57
C LYS B 104 17.09 -0.11 11.58
N ASN B 105 15.94 0.28 11.06
CA ASN B 105 15.21 -0.53 10.08
C ASN B 105 15.70 -0.11 8.70
N PRO B 106 16.33 -1.03 7.96
CA PRO B 106 16.86 -0.75 6.62
C PRO B 106 15.86 -0.20 5.60
N GLU B 107 14.59 -0.52 5.76
CA GLU B 107 13.56 -0.07 4.83
C GLU B 107 12.75 1.20 5.18
N SER B 108 13.10 1.88 6.26
CA SER B 108 12.36 3.08 6.66
C SER B 108 13.27 4.28 6.90
N ASN B 109 12.71 5.48 6.93
CA ASN B 109 13.52 6.69 7.12
C ASN B 109 12.89 7.77 7.96
N TYR B 110 11.62 7.58 8.34
CA TYR B 110 10.90 8.55 9.15
C TYR B 110 11.37 8.49 10.61
N CYS B 111 12.60 8.95 10.82
CA CYS B 111 13.22 8.96 12.13
C CYS B 111 12.33 9.57 13.22
N LEU B 112 12.29 8.90 14.36
CA LEU B 112 11.48 9.31 15.48
C LEU B 112 11.81 10.69 16.09
N LYS B 113 12.91 11.28 15.65
CA LYS B 113 13.32 12.61 16.12
C LYS B 113 12.74 13.72 15.25
N ASN B 114 11.94 13.33 14.25
CA ASN B 114 11.34 14.30 13.32
C ASN B 114 10.36 15.28 13.95
N ASP B 115 10.17 16.40 13.24
CA ASP B 115 9.23 17.41 13.68
C ASP B 115 8.24 17.73 12.55
N LEU B 116 7.91 16.71 11.77
CA LEU B 116 6.96 16.87 10.65
C LEU B 116 5.52 16.58 11.07
N GLY B 117 5.28 15.37 11.55
CA GLY B 117 3.96 14.93 11.97
C GLY B 117 3.18 15.83 12.92
N ASN B 118 3.68 16.05 14.12
CA ASN B 118 3.00 16.91 15.07
C ASN B 118 4.01 17.99 15.43
N PRO B 119 4.09 19.03 14.58
CA PRO B 119 5.00 20.19 14.68
C PRO B 119 5.06 20.92 16.01
N ARG B 120 6.25 20.92 16.60
CA ARG B 120 6.54 21.62 17.84
C ARG B 120 7.21 22.95 17.49
N GLY B 121 7.89 22.99 16.34
CA GLY B 121 8.57 24.20 15.90
C GLY B 121 9.73 24.52 16.82
N THR B 122 10.47 23.48 17.17
CA THR B 122 11.62 23.60 18.07
C THR B 122 12.70 22.65 17.58
N LEU B 123 13.83 22.65 18.28
CA LEU B 123 14.91 21.71 17.97
C LEU B 123 14.57 20.45 18.79
N GLN B 124 15.42 19.44 18.72
CA GLN B 124 15.16 18.18 19.42
C GLN B 124 15.07 18.21 20.95
N ASP B 125 15.62 19.25 21.58
CA ASP B 125 15.55 19.36 23.04
C ASP B 125 14.32 20.16 23.46
N GLY B 126 13.43 20.43 22.51
CA GLY B 126 12.21 21.16 22.82
C GLY B 126 12.30 22.66 23.00
N THR B 127 13.43 23.27 22.63
CA THR B 127 13.59 24.72 22.78
C THR B 127 13.93 25.38 21.44
N ARG B 128 13.82 26.71 21.38
CA ARG B 128 14.12 27.48 20.17
C ARG B 128 15.44 28.25 20.28
N ARG B 129 16.04 28.58 19.15
CA ARG B 129 17.31 29.31 19.10
C ARG B 129 17.14 30.68 18.45
N PHE B 130 15.93 30.97 17.98
CA PHE B 130 15.62 32.21 17.31
C PHE B 130 14.80 33.16 18.17
N THR B 131 15.13 34.45 18.06
CA THR B 131 14.40 35.51 18.75
C THR B 131 14.35 36.69 17.79
N CYS B 132 13.29 37.48 17.88
CA CYS B 132 13.09 38.64 17.03
C CYS B 132 12.26 39.68 17.79
N SER B 133 12.85 40.84 18.05
CA SER B 133 12.18 41.92 18.76
C SER B 133 11.49 41.45 20.05
N GLY B 134 12.21 40.66 20.83
CA GLY B 134 11.69 40.14 22.09
C GLY B 134 10.78 38.92 21.99
N LYS B 135 10.49 38.48 20.78
CA LYS B 135 9.61 37.32 20.56
C LYS B 135 10.38 36.09 20.06
N PRO B 136 10.13 34.92 20.67
CA PRO B 136 10.84 33.74 20.19
C PRO B 136 10.23 33.38 18.84
N ILE B 137 11.02 32.77 17.97
CA ILE B 137 10.50 32.40 16.66
C ILE B 137 10.62 30.89 16.53
N HIS B 138 9.56 30.27 16.02
CA HIS B 138 9.55 28.82 15.86
C HIS B 138 10.43 28.36 14.70
N HIS B 139 11.00 27.17 14.86
CA HIS B 139 11.81 26.54 13.83
C HIS B 139 10.81 25.82 12.91
N PHE B 140 11.30 25.35 11.76
CA PHE B 140 10.46 24.63 10.80
C PHE B 140 11.18 23.33 10.47
N VAL B 141 10.49 22.22 10.67
CA VAL B 141 11.04 20.90 10.41
C VAL B 141 12.50 20.73 10.85
N GLY B 142 12.81 21.33 11.99
CA GLY B 142 14.15 21.26 12.56
C GLY B 142 15.26 21.99 11.84
N VAL B 143 14.98 22.64 10.72
CA VAL B 143 16.05 23.31 9.96
C VAL B 143 15.97 24.81 9.72
N SER B 144 14.77 25.36 9.49
CA SER B 144 14.59 26.81 9.28
C SER B 144 15.71 27.42 8.42
N THR B 145 15.72 27.06 7.13
CA THR B 145 16.81 27.52 6.25
C THR B 145 16.68 28.88 5.59
N PHE B 146 15.57 29.59 5.80
CA PHE B 146 15.38 30.93 5.23
C PHE B 146 15.92 31.96 6.23
N SER B 147 17.18 31.78 6.59
CA SER B 147 17.85 32.65 7.55
C SER B 147 19.33 32.60 7.21
N GLN B 148 20.02 33.74 7.30
CA GLN B 148 21.46 33.76 7.00
C GLN B 148 22.18 32.78 7.90
N TYR B 149 21.63 32.53 9.09
CA TYR B 149 22.19 31.56 10.03
C TYR B 149 21.10 30.75 10.73
N THR B 150 21.30 29.44 10.78
CA THR B 150 20.34 28.58 11.46
C THR B 150 21.15 27.64 12.32
N VAL B 151 20.51 27.10 13.36
CA VAL B 151 21.15 26.14 14.26
C VAL B 151 20.33 24.86 14.11
N VAL B 152 21.01 23.74 13.93
CA VAL B 152 20.31 22.47 13.74
C VAL B 152 20.98 21.37 14.58
N ASP B 153 20.23 20.29 14.84
CA ASP B 153 20.75 19.15 15.57
C ASP B 153 21.77 18.45 14.69
N GLU B 154 22.79 17.85 15.32
CA GLU B 154 23.84 17.15 14.58
C GLU B 154 23.34 16.02 13.69
N ASN B 155 22.33 15.29 14.15
CA ASN B 155 21.80 14.19 13.35
C ASN B 155 20.91 14.70 12.20
N ALA B 156 20.80 16.02 12.09
CA ALA B 156 20.01 16.64 11.02
C ALA B 156 20.91 17.51 10.13
N VAL B 157 22.17 17.12 10.02
CA VAL B 157 23.14 17.83 9.18
C VAL B 157 24.05 16.82 8.53
N ALA B 158 24.13 16.85 7.20
CA ALA B 158 24.98 15.93 6.46
C ALA B 158 26.17 16.67 5.85
N LYS B 159 27.35 16.10 5.97
CA LYS B 159 28.60 16.63 5.44
C LYS B 159 28.70 16.17 4.00
N ILE B 160 28.98 17.12 3.10
CA ILE B 160 29.09 16.80 1.68
C ILE B 160 30.41 17.23 1.03
N ASP B 161 30.58 16.85 -0.23
CA ASP B 161 31.79 17.16 -1.01
C ASP B 161 32.19 18.63 -0.86
N ALA B 162 33.45 18.86 -0.51
CA ALA B 162 34.02 20.20 -0.29
C ALA B 162 34.00 21.09 -1.53
N ALA B 163 33.96 20.48 -2.70
CA ALA B 163 33.95 21.23 -3.96
C ALA B 163 32.54 21.38 -4.53
N SER B 164 31.52 20.99 -3.76
CA SER B 164 30.14 21.05 -4.21
C SER B 164 29.59 22.44 -4.49
N PRO B 165 28.88 22.62 -5.61
CA PRO B 165 28.31 23.93 -5.92
C PRO B 165 26.99 23.99 -5.12
N LEU B 166 27.03 24.68 -3.99
CA LEU B 166 25.88 24.78 -3.09
C LEU B 166 24.61 25.38 -3.69
N GLU B 167 24.78 26.26 -4.67
CA GLU B 167 23.65 26.88 -5.36
C GLU B 167 22.89 25.87 -6.21
N LYS B 168 23.49 24.70 -6.40
CA LYS B 168 22.84 23.64 -7.16
C LYS B 168 22.43 22.46 -6.28
N VAL B 169 23.38 21.97 -5.48
CA VAL B 169 23.14 20.81 -4.60
C VAL B 169 22.10 21.04 -3.50
N CYS B 170 21.69 22.29 -3.29
CA CYS B 170 20.67 22.56 -2.28
C CYS B 170 19.37 21.80 -2.59
N LEU B 171 19.12 21.51 -3.87
CA LEU B 171 17.91 20.80 -4.28
C LEU B 171 17.90 19.35 -3.76
N ILE B 172 19.07 18.86 -3.38
CA ILE B 172 19.21 17.51 -2.83
C ILE B 172 18.67 17.50 -1.39
N GLY B 173 18.48 18.70 -0.86
CA GLY B 173 17.94 18.90 0.48
C GLY B 173 16.45 18.58 0.57
N CYS B 174 15.76 18.53 -0.58
CA CYS B 174 14.34 18.16 -0.60
C CYS B 174 13.82 17.68 -1.95
N GLY B 175 13.53 18.63 -2.83
CA GLY B 175 12.95 18.35 -4.13
C GLY B 175 13.45 17.18 -4.95
N PHE B 176 14.73 17.21 -5.27
CA PHE B 176 15.30 16.18 -6.09
C PHE B 176 15.29 14.81 -5.44
N SER B 177 15.83 14.73 -4.24
CA SER B 177 15.89 13.47 -3.52
C SER B 177 14.51 12.88 -3.30
N THR B 178 13.55 13.74 -2.94
CA THR B 178 12.18 13.29 -2.70
C THR B 178 11.61 12.65 -3.98
N GLY B 179 11.63 13.40 -5.08
CA GLY B 179 11.10 12.87 -6.33
C GLY B 179 11.83 11.67 -6.89
N TYR B 180 13.16 11.75 -6.93
CA TYR B 180 14.00 10.69 -7.44
C TYR B 180 13.83 9.41 -6.62
N GLY B 181 13.93 9.55 -5.30
CA GLY B 181 13.77 8.42 -4.42
C GLY B 181 12.38 7.80 -4.45
N SER B 182 11.34 8.61 -4.61
CA SER B 182 9.98 8.10 -4.65
C SER B 182 9.82 7.04 -5.74
N ALA B 183 10.56 7.23 -6.83
CA ALA B 183 10.54 6.32 -7.97
C ALA B 183 11.49 5.14 -7.81
N VAL B 184 12.76 5.45 -7.55
CA VAL B 184 13.80 4.44 -7.43
C VAL B 184 13.80 3.64 -6.12
N LYS B 185 13.48 4.30 -5.01
CA LYS B 185 13.50 3.67 -3.69
C LYS B 185 12.15 3.23 -3.11
N VAL B 186 11.15 4.11 -3.17
CA VAL B 186 9.83 3.83 -2.62
C VAL B 186 8.99 2.92 -3.52
N ALA B 187 8.68 3.37 -4.74
CA ALA B 187 7.89 2.55 -5.66
C ALA B 187 8.69 1.40 -6.23
N LYS B 188 10.01 1.60 -6.32
CA LYS B 188 10.93 0.61 -6.88
C LYS B 188 10.51 0.29 -8.32
N VAL B 189 10.43 1.34 -9.14
CA VAL B 189 10.06 1.24 -10.54
C VAL B 189 10.96 0.23 -11.24
N THR B 190 10.35 -0.61 -12.08
CA THR B 190 11.07 -1.65 -12.78
C THR B 190 11.27 -1.34 -14.26
N PRO B 191 12.35 -1.86 -14.86
CA PRO B 191 12.58 -1.60 -16.28
C PRO B 191 11.46 -2.22 -17.12
N GLY B 192 11.00 -1.46 -18.11
CA GLY B 192 9.93 -1.92 -18.97
C GLY B 192 8.54 -1.61 -18.47
N SER B 193 8.42 -1.06 -17.25
CA SER B 193 7.11 -0.75 -16.69
C SER B 193 6.51 0.56 -17.18
N THR B 194 5.25 0.78 -16.85
CA THR B 194 4.53 1.99 -17.23
C THR B 194 4.25 2.81 -15.98
N CYS B 195 4.52 4.10 -16.08
CA CYS B 195 4.34 5.01 -14.96
C CYS B 195 3.49 6.21 -15.36
N ALA B 196 2.81 6.76 -14.37
CA ALA B 196 1.98 7.95 -14.54
C ALA B 196 2.45 8.85 -13.40
N VAL B 197 2.78 10.10 -13.74
CA VAL B 197 3.26 11.07 -12.73
C VAL B 197 2.30 12.26 -12.71
N PHE B 198 1.66 12.49 -11.57
CA PHE B 198 0.73 13.60 -11.41
C PHE B 198 1.46 14.80 -10.77
N GLY B 199 1.63 15.87 -11.53
CA GLY B 199 2.33 17.04 -10.98
C GLY B 199 3.72 17.14 -11.56
N LEU B 200 3.99 18.26 -12.23
CA LEU B 200 5.28 18.45 -12.88
C LEU B 200 6.08 19.67 -12.41
N GLY B 201 6.11 19.82 -11.09
CA GLY B 201 6.85 20.87 -10.45
C GLY B 201 8.23 20.30 -10.22
N GLY B 202 9.00 20.87 -9.29
CA GLY B 202 10.35 20.36 -9.06
C GLY B 202 10.36 18.91 -8.56
N VAL B 203 9.43 18.55 -7.70
CA VAL B 203 9.41 17.18 -7.19
C VAL B 203 8.94 16.19 -8.24
N GLY B 204 7.87 16.53 -8.97
CA GLY B 204 7.34 15.63 -9.98
C GLY B 204 8.34 15.38 -11.10
N LEU B 205 9.05 16.42 -11.51
CA LEU B 205 10.07 16.27 -12.55
C LEU B 205 11.17 15.35 -12.07
N SER B 206 11.45 15.38 -10.77
CA SER B 206 12.48 14.51 -10.22
C SER B 206 11.96 13.07 -10.20
N VAL B 207 10.64 12.92 -10.11
CA VAL B 207 10.02 11.59 -10.17
C VAL B 207 10.18 11.09 -11.63
N VAL B 208 9.94 11.95 -12.60
CA VAL B 208 10.11 11.59 -14.01
C VAL B 208 11.56 11.12 -14.19
N MET B 209 12.49 11.84 -13.59
CA MET B 209 13.91 11.49 -13.68
C MET B 209 14.15 10.10 -13.09
N GLY B 210 13.58 9.87 -11.91
CA GLY B 210 13.72 8.57 -11.25
C GLY B 210 13.17 7.44 -12.09
N CYS B 211 11.99 7.63 -12.65
CA CYS B 211 11.34 6.62 -13.49
C CYS B 211 12.19 6.30 -14.72
N LYS B 212 12.79 7.32 -15.34
CA LYS B 212 13.64 7.11 -16.52
C LYS B 212 14.92 6.37 -16.11
N ALA B 213 15.47 6.75 -14.96
CA ALA B 213 16.68 6.15 -14.43
C ALA B 213 16.43 4.67 -14.10
N ALA B 214 15.20 4.34 -13.74
CA ALA B 214 14.81 2.97 -13.41
C ALA B 214 14.50 2.14 -14.66
N GLY B 215 14.53 2.78 -15.82
CA GLY B 215 14.28 2.10 -17.09
C GLY B 215 12.82 1.92 -17.48
N ALA B 216 11.94 2.80 -17.02
CA ALA B 216 10.51 2.69 -17.36
C ALA B 216 10.33 2.80 -18.87
N ALA B 217 9.39 2.03 -19.41
CA ALA B 217 9.13 2.04 -20.85
C ALA B 217 8.30 3.25 -21.22
N ARG B 218 7.33 3.57 -20.37
CA ARG B 218 6.44 4.70 -20.58
C ARG B 218 6.33 5.52 -19.30
N ILE B 219 6.41 6.84 -19.44
CA ILE B 219 6.29 7.76 -18.32
C ILE B 219 5.32 8.83 -18.81
N ILE B 220 4.06 8.70 -18.41
CA ILE B 220 3.03 9.65 -18.79
C ILE B 220 2.96 10.74 -17.74
N ALA B 221 3.23 11.97 -18.18
CA ALA B 221 3.22 13.11 -17.29
C ALA B 221 1.86 13.79 -17.34
N VAL B 222 1.26 13.99 -16.18
CA VAL B 222 -0.05 14.62 -16.05
C VAL B 222 0.07 15.95 -15.33
N ASP B 223 -0.51 16.99 -15.91
CA ASP B 223 -0.48 18.33 -15.31
C ASP B 223 -1.50 19.19 -16.02
N ILE B 224 -2.21 20.02 -15.26
CA ILE B 224 -3.20 20.91 -15.86
C ILE B 224 -2.57 22.16 -16.53
N ASN B 225 -1.28 22.38 -16.30
CA ASN B 225 -0.56 23.51 -16.91
C ASN B 225 0.33 22.99 -18.04
N LYS B 226 -0.13 23.09 -19.28
CA LYS B 226 0.63 22.59 -20.44
C LYS B 226 2.04 23.15 -20.61
N ASP B 227 2.34 24.26 -19.94
CA ASP B 227 3.67 24.89 -20.00
C ASP B 227 4.75 24.04 -19.32
N LYS B 228 4.31 23.09 -18.51
CA LYS B 228 5.20 22.19 -17.79
C LYS B 228 5.62 20.97 -18.61
N PHE B 229 4.97 20.76 -19.75
CA PHE B 229 5.25 19.61 -20.60
C PHE B 229 6.63 19.49 -21.25
N ALA B 230 7.14 20.58 -21.83
CA ALA B 230 8.46 20.54 -22.48
C ALA B 230 9.54 19.99 -21.54
N LYS B 231 9.61 20.53 -20.33
CA LYS B 231 10.59 20.08 -19.34
C LYS B 231 10.40 18.61 -18.98
N ALA B 232 9.16 18.16 -18.84
CA ALA B 232 8.86 16.77 -18.51
C ALA B 232 9.43 15.83 -19.60
N LYS B 233 9.25 16.22 -20.87
CA LYS B 233 9.75 15.46 -22.01
C LYS B 233 11.27 15.40 -22.04
N GLU B 234 11.90 16.55 -21.78
CA GLU B 234 13.35 16.64 -21.77
C GLU B 234 13.93 15.70 -20.72
N LEU B 235 13.23 15.57 -19.59
CA LEU B 235 13.66 14.71 -18.49
C LEU B 235 13.21 13.24 -18.54
N GLY B 236 12.44 12.87 -19.55
CA GLY B 236 12.05 11.47 -19.65
C GLY B 236 10.61 11.10 -19.97
N ALA B 237 9.68 12.05 -19.88
CA ALA B 237 8.28 11.76 -20.17
C ALA B 237 8.05 11.36 -21.63
N THR B 238 7.32 10.27 -21.83
CA THR B 238 7.04 9.79 -23.18
C THR B 238 5.76 10.40 -23.72
N GLU B 239 4.90 10.86 -22.81
CA GLU B 239 3.64 11.48 -23.17
C GLU B 239 3.24 12.46 -22.11
N CYS B 240 2.59 13.54 -22.52
CA CYS B 240 2.11 14.55 -21.59
C CYS B 240 0.62 14.75 -21.84
N ILE B 241 -0.14 14.61 -20.75
CA ILE B 241 -1.58 14.70 -20.78
C ILE B 241 -2.12 15.78 -19.87
N ASN B 242 -3.09 16.53 -20.37
CA ASN B 242 -3.73 17.58 -19.61
C ASN B 242 -5.18 17.13 -19.32
N PRO B 243 -5.51 16.89 -18.03
CA PRO B 243 -6.84 16.46 -17.60
C PRO B 243 -7.99 17.30 -18.17
N GLN B 244 -7.75 18.61 -18.29
CA GLN B 244 -8.75 19.54 -18.81
C GLN B 244 -9.16 19.33 -20.28
N ASP B 245 -8.37 18.60 -21.06
CA ASP B 245 -8.71 18.36 -22.45
C ASP B 245 -9.69 17.20 -22.63
N TYR B 246 -9.92 16.43 -21.57
CA TYR B 246 -10.79 15.24 -21.64
C TYR B 246 -12.13 15.28 -20.92
N LYS B 247 -13.14 14.68 -21.55
CA LYS B 247 -14.47 14.62 -20.96
C LYS B 247 -14.47 13.56 -19.84
N LYS B 248 -13.66 12.52 -20.01
CA LYS B 248 -13.51 11.43 -19.05
C LYS B 248 -12.56 11.82 -17.92
N PRO B 249 -12.72 11.20 -16.74
CA PRO B 249 -11.87 11.45 -15.57
C PRO B 249 -10.49 11.00 -16.00
N ILE B 250 -9.46 11.67 -15.51
CA ILE B 250 -8.09 11.35 -15.90
C ILE B 250 -7.65 9.89 -15.67
N GLN B 251 -8.14 9.26 -14.60
CA GLN B 251 -7.78 7.87 -14.33
C GLN B 251 -8.30 6.94 -15.42
N GLU B 252 -9.46 7.26 -15.98
CA GLU B 252 -10.02 6.41 -17.04
C GLU B 252 -9.26 6.62 -18.34
N VAL B 253 -8.82 7.84 -18.58
CA VAL B 253 -8.03 8.15 -19.79
C VAL B 253 -6.74 7.36 -19.67
N LEU B 254 -6.09 7.43 -18.51
CA LEU B 254 -4.83 6.72 -18.27
C LEU B 254 -5.00 5.21 -18.41
N LYS B 255 -6.07 4.66 -17.85
CA LYS B 255 -6.31 3.21 -17.95
C LYS B 255 -6.49 2.75 -19.40
N GLU B 256 -7.17 3.57 -20.20
CA GLU B 256 -7.41 3.24 -21.61
C GLU B 256 -6.13 3.30 -22.45
N MET B 257 -5.22 4.19 -22.08
CA MET B 257 -3.95 4.34 -22.79
C MET B 257 -3.00 3.20 -22.42
N THR B 258 -3.21 2.58 -21.27
CA THR B 258 -2.30 1.56 -20.76
C THR B 258 -2.80 0.12 -20.50
N ASP B 259 -3.79 -0.35 -21.24
CA ASP B 259 -4.28 -1.73 -21.05
C ASP B 259 -4.78 -1.98 -19.62
N GLY B 260 -5.63 -1.11 -19.12
CA GLY B 260 -6.17 -1.30 -17.78
C GLY B 260 -5.51 -0.55 -16.63
N GLY B 261 -4.41 0.15 -16.93
CA GLY B 261 -3.73 0.90 -15.87
C GLY B 261 -2.23 0.78 -15.87
N VAL B 262 -1.58 1.75 -15.23
CA VAL B 262 -0.13 1.75 -15.16
C VAL B 262 0.37 0.86 -14.04
N ASP B 263 1.64 0.50 -14.11
CA ASP B 263 2.23 -0.32 -13.07
C ASP B 263 2.58 0.54 -11.87
N PHE B 264 2.94 1.80 -12.12
CA PHE B 264 3.33 2.71 -11.05
C PHE B 264 2.77 4.11 -11.25
N SER B 265 2.04 4.59 -10.25
CA SER B 265 1.50 5.94 -10.32
C SER B 265 2.05 6.75 -9.16
N PHE B 266 2.18 8.05 -9.38
CA PHE B 266 2.71 8.94 -8.36
C PHE B 266 1.90 10.21 -8.30
N GLU B 267 1.45 10.57 -7.11
CA GLU B 267 0.74 11.84 -6.95
C GLU B 267 1.79 12.79 -6.38
N VAL B 268 2.06 13.89 -7.08
CA VAL B 268 3.07 14.83 -6.63
C VAL B 268 2.50 16.25 -6.69
N ILE B 269 1.27 16.38 -6.20
CA ILE B 269 0.56 17.65 -6.19
C ILE B 269 0.17 18.04 -4.79
N GLY B 270 -0.58 17.16 -4.12
CA GLY B 270 -1.01 17.43 -2.77
C GLY B 270 -2.50 17.71 -2.70
N GLN B 271 -3.28 17.05 -3.55
CA GLN B 271 -4.73 17.22 -3.57
C GLN B 271 -5.45 15.88 -3.41
N LEU B 272 -6.59 15.87 -2.71
CA LEU B 272 -7.32 14.62 -2.49
C LEU B 272 -7.83 13.99 -3.78
N ASP B 273 -8.45 14.77 -4.67
CA ASP B 273 -8.96 14.22 -5.92
C ASP B 273 -7.85 13.64 -6.80
N THR B 274 -6.68 14.26 -6.82
CA THR B 274 -5.59 13.72 -7.63
C THR B 274 -4.97 12.49 -6.93
N MET B 275 -5.05 12.43 -5.61
CA MET B 275 -4.53 11.23 -4.93
C MET B 275 -5.44 10.05 -5.31
N MET B 276 -6.74 10.30 -5.31
CA MET B 276 -7.70 9.26 -5.69
C MET B 276 -7.51 8.84 -7.14
N ALA B 277 -7.32 9.81 -8.04
CA ALA B 277 -7.12 9.51 -9.46
C ALA B 277 -5.86 8.68 -9.69
N SER B 278 -4.81 9.02 -8.96
CA SER B 278 -3.53 8.33 -9.08
C SER B 278 -3.72 6.87 -8.65
N LEU B 279 -4.41 6.66 -7.53
CA LEU B 279 -4.65 5.28 -7.06
C LEU B 279 -5.46 4.51 -8.11
N LEU B 280 -6.57 5.11 -8.54
CA LEU B 280 -7.46 4.52 -9.54
C LEU B 280 -6.83 4.25 -10.90
N CYS B 281 -5.81 5.03 -11.28
CA CYS B 281 -5.14 4.85 -12.57
C CYS B 281 -4.13 3.71 -12.66
N CYS B 282 -3.63 3.23 -11.51
CA CYS B 282 -2.71 2.10 -11.58
C CYS B 282 -3.56 0.82 -11.68
N HIS B 283 -3.07 -0.20 -12.37
CA HIS B 283 -3.83 -1.43 -12.60
C HIS B 283 -4.35 -2.08 -11.31
N GLU B 284 -5.64 -2.40 -11.26
CA GLU B 284 -6.25 -3.00 -10.07
C GLU B 284 -5.63 -4.29 -9.57
N ALA B 285 -5.00 -5.04 -10.47
CA ALA B 285 -4.39 -6.32 -10.13
C ALA B 285 -2.90 -6.29 -9.85
N CYS B 286 -2.20 -5.30 -10.38
CA CYS B 286 -0.76 -5.24 -10.22
C CYS B 286 -0.16 -3.86 -10.06
N GLY B 287 -0.99 -2.84 -9.86
CA GLY B 287 -0.48 -1.48 -9.75
C GLY B 287 0.01 -1.07 -8.36
N THR B 288 0.92 -0.10 -8.35
CA THR B 288 1.47 0.47 -7.13
C THR B 288 1.31 1.97 -7.28
N SER B 289 0.81 2.62 -6.24
CA SER B 289 0.61 4.06 -6.26
C SER B 289 1.28 4.64 -5.04
N VAL B 290 2.10 5.67 -5.30
CA VAL B 290 2.85 6.36 -4.26
C VAL B 290 2.35 7.80 -4.04
N ILE B 291 2.03 8.11 -2.80
CA ILE B 291 1.61 9.45 -2.44
C ILE B 291 2.88 10.24 -2.07
N VAL B 292 3.15 11.31 -2.81
CA VAL B 292 4.30 12.16 -2.54
C VAL B 292 3.79 13.52 -2.06
N GLY B 293 2.74 14.00 -2.74
CA GLY B 293 2.15 15.30 -2.40
C GLY B 293 1.64 15.42 -0.98
N VAL B 294 1.72 16.63 -0.41
CA VAL B 294 1.27 16.87 0.95
C VAL B 294 -0.15 17.44 0.88
N PRO B 295 -1.13 16.67 1.39
CA PRO B 295 -2.54 17.07 1.40
C PRO B 295 -2.88 18.17 2.41
N PRO B 296 -3.96 18.90 2.17
CA PRO B 296 -4.40 19.98 3.05
C PRO B 296 -4.84 19.43 4.41
N ASP B 297 -4.41 20.15 5.45
CA ASP B 297 -4.69 19.79 6.82
C ASP B 297 -6.09 19.28 7.15
N SER B 298 -6.12 18.16 7.87
CA SER B 298 -7.36 17.54 8.32
C SER B 298 -8.36 17.10 7.25
N GLN B 299 -7.91 16.93 6.01
CA GLN B 299 -8.80 16.47 4.94
C GLN B 299 -8.61 14.98 4.69
N ASN B 300 -9.73 14.26 4.62
CA ASN B 300 -9.70 12.81 4.40
C ASN B 300 -10.23 12.39 3.04
N LEU B 301 -9.68 11.31 2.52
CA LEU B 301 -10.10 10.70 1.26
C LEU B 301 -11.21 9.68 1.60
N SER B 302 -12.05 9.41 0.62
CA SER B 302 -13.13 8.43 0.78
C SER B 302 -12.73 7.28 -0.14
N ILE B 303 -12.23 6.20 0.47
CA ILE B 303 -11.79 5.06 -0.31
C ILE B 303 -12.55 3.75 -0.07
N ASN B 304 -12.88 3.08 -1.16
CA ASN B 304 -13.56 1.81 -1.10
C ASN B 304 -12.47 0.74 -1.03
N PRO B 305 -12.47 -0.10 0.03
CA PRO B 305 -11.48 -1.16 0.24
C PRO B 305 -11.28 -2.12 -0.90
N MET B 306 -12.28 -2.29 -1.76
CA MET B 306 -12.15 -3.19 -2.90
C MET B 306 -11.03 -2.78 -3.86
N LEU B 307 -10.78 -1.47 -3.91
CA LEU B 307 -9.72 -0.93 -4.78
C LEU B 307 -8.38 -1.57 -4.45
N LEU B 308 -8.22 -1.98 -3.19
CA LEU B 308 -6.97 -2.62 -2.78
C LEU B 308 -7.03 -4.15 -2.80
N LEU B 309 -8.20 -4.72 -2.49
CA LEU B 309 -8.36 -6.17 -2.44
C LEU B 309 -7.97 -6.91 -3.73
N THR B 310 -8.20 -6.29 -4.89
CA THR B 310 -7.86 -6.94 -6.15
C THR B 310 -6.36 -7.12 -6.42
N GLY B 311 -5.52 -6.40 -5.67
CA GLY B 311 -4.09 -6.56 -5.85
C GLY B 311 -3.26 -5.28 -5.84
N ARG B 312 -3.85 -4.11 -5.64
CA ARG B 312 -3.09 -2.84 -5.61
C ARG B 312 -2.28 -2.63 -4.34
N THR B 313 -1.19 -1.87 -4.48
CA THR B 313 -0.32 -1.52 -3.36
C THR B 313 -0.30 0.01 -3.28
N TRP B 314 -0.67 0.53 -2.13
CA TRP B 314 -0.71 1.98 -1.93
C TRP B 314 0.29 2.30 -0.84
N LYS B 315 1.17 3.27 -1.10
CA LYS B 315 2.16 3.66 -0.11
C LYS B 315 2.50 5.15 -0.21
N GLY B 316 3.14 5.66 0.84
CA GLY B 316 3.55 7.06 0.84
C GLY B 316 4.95 7.14 1.43
N ALA B 317 5.61 8.27 1.28
CA ALA B 317 6.95 8.44 1.83
C ALA B 317 7.37 9.90 1.91
N ILE B 318 8.26 10.16 2.85
CA ILE B 318 8.83 11.47 3.10
C ILE B 318 10.27 11.38 2.60
N PHE B 319 10.72 12.40 1.87
CA PHE B 319 12.08 12.48 1.36
C PHE B 319 12.50 11.27 0.51
N GLY B 320 11.60 10.81 -0.37
CA GLY B 320 11.90 9.69 -1.24
C GLY B 320 12.33 8.40 -0.56
N GLY B 321 12.03 8.28 0.73
CA GLY B 321 12.42 7.08 1.47
C GLY B 321 13.90 7.03 1.85
N PHE B 322 14.67 8.07 1.53
CA PHE B 322 16.10 8.08 1.84
C PHE B 322 16.45 8.31 3.30
N LYS B 323 17.30 7.45 3.87
CA LYS B 323 17.78 7.65 5.23
C LYS B 323 18.69 8.87 4.99
N SER B 324 18.20 10.02 5.42
CA SER B 324 18.82 11.32 5.19
C SER B 324 20.33 11.54 5.28
N LYS B 325 20.90 11.30 6.46
CA LYS B 325 22.32 11.53 6.68
C LYS B 325 23.25 10.68 5.84
N GLU B 326 22.95 9.39 5.71
CA GLU B 326 23.81 8.53 4.92
C GLU B 326 23.55 8.70 3.43
N SER B 327 22.34 9.09 3.07
CA SER B 327 22.00 9.24 1.65
C SER B 327 22.42 10.57 0.99
N VAL B 328 22.22 11.69 1.68
CA VAL B 328 22.55 13.00 1.10
C VAL B 328 23.98 13.09 0.57
N PRO B 329 24.99 12.66 1.35
CA PRO B 329 26.37 12.73 0.86
C PRO B 329 26.57 11.90 -0.42
N LYS B 330 25.96 10.73 -0.49
CA LYS B 330 26.06 9.87 -1.67
C LYS B 330 25.39 10.50 -2.88
N LEU B 331 24.27 11.18 -2.67
CA LEU B 331 23.56 11.85 -3.76
C LEU B 331 24.39 13.02 -4.31
N VAL B 332 25.09 13.70 -3.42
CA VAL B 332 25.97 14.80 -3.80
C VAL B 332 27.13 14.17 -4.57
N ALA B 333 27.66 13.06 -4.07
CA ALA B 333 28.75 12.35 -4.75
C ALA B 333 28.31 11.98 -6.18
N ASP B 334 27.08 11.48 -6.32
CA ASP B 334 26.58 11.11 -7.65
C ASP B 334 26.49 12.36 -8.54
N PHE B 335 26.02 13.46 -7.97
CA PHE B 335 25.91 14.73 -8.70
C PHE B 335 27.30 15.17 -9.19
N MET B 336 28.28 15.11 -8.30
CA MET B 336 29.65 15.49 -8.65
C MET B 336 30.23 14.57 -9.72
N ALA B 337 29.77 13.32 -9.74
CA ALA B 337 30.23 12.34 -10.73
C ALA B 337 29.43 12.47 -12.02
N LYS B 338 28.53 13.45 -12.04
CA LYS B 338 27.65 13.75 -13.17
C LYS B 338 26.63 12.67 -13.55
N LYS B 339 26.15 11.93 -12.55
CA LYS B 339 25.14 10.90 -12.78
C LYS B 339 23.85 11.58 -13.22
N PHE B 340 23.59 12.77 -12.69
CA PHE B 340 22.41 13.53 -13.03
C PHE B 340 22.72 15.02 -12.92
N SER B 341 21.92 15.84 -13.58
CA SER B 341 22.08 17.28 -13.53
C SER B 341 20.82 17.88 -12.91
N LEU B 342 20.96 19.03 -12.26
CA LEU B 342 19.84 19.71 -11.62
C LEU B 342 19.54 21.04 -12.29
N ASP B 343 20.28 21.38 -13.35
CA ASP B 343 20.09 22.65 -14.04
C ASP B 343 18.67 22.84 -14.55
N ALA B 344 18.13 21.81 -15.17
CA ALA B 344 16.76 21.87 -15.69
C ALA B 344 15.74 22.23 -14.62
N LEU B 345 16.03 21.89 -13.37
CA LEU B 345 15.11 22.18 -12.27
C LEU B 345 15.21 23.60 -11.73
N ILE B 346 16.34 24.26 -11.97
CA ILE B 346 16.54 25.63 -11.49
C ILE B 346 16.19 26.60 -12.61
N THR B 347 15.01 27.17 -12.52
CA THR B 347 14.55 28.08 -13.53
C THR B 347 14.83 29.54 -13.17
N ASN B 348 15.01 29.81 -11.88
CA ASN B 348 15.24 31.18 -11.42
C ASN B 348 16.19 31.26 -10.25
N VAL B 349 17.02 32.30 -10.23
CA VAL B 349 17.95 32.52 -9.13
C VAL B 349 17.72 33.94 -8.64
N LEU B 350 17.51 34.10 -7.35
CA LEU B 350 17.26 35.42 -6.78
C LEU B 350 18.01 35.58 -5.48
N PRO B 351 18.29 36.82 -5.07
CA PRO B 351 19.00 36.98 -3.80
C PRO B 351 17.97 36.68 -2.69
N PHE B 352 18.44 36.24 -1.54
CA PHE B 352 17.56 35.93 -0.41
C PHE B 352 16.57 37.06 -0.11
N GLU B 353 17.01 38.30 -0.27
CA GLU B 353 16.18 39.46 0.01
C GLU B 353 14.96 39.60 -0.88
N LYS B 354 14.94 38.87 -1.99
CA LYS B 354 13.81 38.88 -2.90
C LYS B 354 13.00 37.57 -2.77
N ILE B 355 13.00 37.01 -1.57
CA ILE B 355 12.28 35.76 -1.29
C ILE B 355 10.81 35.86 -1.70
N ASN B 356 10.18 37.00 -1.45
CA ASN B 356 8.77 37.17 -1.83
C ASN B 356 8.55 37.05 -3.32
N GLU B 357 9.48 37.58 -4.11
CA GLU B 357 9.37 37.48 -5.55
C GLU B 357 9.51 36.01 -5.93
N GLY B 358 10.37 35.29 -5.23
CA GLY B 358 10.55 33.86 -5.50
C GLY B 358 9.25 33.09 -5.27
N PHE B 359 8.52 33.47 -4.23
CA PHE B 359 7.23 32.82 -3.94
C PHE B 359 6.19 33.25 -4.96
N ASP B 360 6.26 34.49 -5.43
CA ASP B 360 5.33 34.97 -6.46
C ASP B 360 5.52 34.12 -7.72
N LEU B 361 6.78 33.82 -8.05
CA LEU B 361 7.10 33.00 -9.22
C LEU B 361 6.51 31.58 -9.08
N LEU B 362 6.57 31.02 -7.88
CA LEU B 362 6.03 29.68 -7.64
C LEU B 362 4.51 29.70 -7.85
N ARG B 363 3.82 30.64 -7.19
CA ARG B 363 2.38 30.79 -7.30
C ARG B 363 1.90 31.05 -8.74
N SER B 364 2.71 31.74 -9.52
CA SER B 364 2.36 32.06 -10.91
C SER B 364 2.36 30.83 -11.83
N GLY B 365 3.03 29.76 -11.39
CA GLY B 365 3.10 28.53 -12.18
C GLY B 365 4.21 28.52 -13.21
N LYS B 366 4.97 29.62 -13.31
CA LYS B 366 6.06 29.72 -14.28
C LYS B 366 7.34 29.00 -13.86
N SER B 367 7.73 29.17 -12.60
CA SER B 367 8.96 28.55 -12.11
C SER B 367 8.82 27.08 -11.67
N ILE B 368 9.96 26.41 -11.58
CA ILE B 368 10.08 25.04 -11.08
C ILE B 368 10.77 25.37 -9.76
N ARG B 369 12.10 25.42 -9.73
CA ARG B 369 12.80 25.83 -8.51
C ARG B 369 13.52 27.19 -8.61
N THR B 370 13.19 28.09 -7.68
CA THR B 370 13.88 29.36 -7.60
C THR B 370 14.86 29.13 -6.45
N VAL B 371 16.14 29.36 -6.71
CA VAL B 371 17.17 29.21 -5.68
C VAL B 371 17.53 30.59 -5.18
N LEU B 372 17.56 30.72 -3.86
CA LEU B 372 17.89 31.98 -3.18
C LEU B 372 19.33 31.95 -2.70
N THR B 373 20.08 33.01 -3.01
CA THR B 373 21.49 33.11 -2.60
C THR B 373 21.61 34.10 -1.45
N PHE B 374 22.43 33.77 -0.46
CA PHE B 374 22.58 34.62 0.73
C PHE B 374 23.80 35.55 0.69
ZN ZN C . -5.68 -14.62 -17.15
ZN ZN D . -13.49 -18.25 0.47
PA NAD E . -14.79 -16.20 9.85
O1A NAD E . -16.10 -15.67 10.07
O2A NAD E . -14.70 -17.69 10.05
O5B NAD E . -13.73 -15.43 10.73
C5B NAD E . -13.95 -14.05 11.08
C4B NAD E . -13.27 -13.98 12.45
O4B NAD E . -13.27 -12.60 12.83
C3B NAD E . -14.05 -14.81 13.53
O3B NAD E . -13.11 -15.43 14.42
C2B NAD E . -14.78 -13.64 14.24
O2B NAD E . -15.01 -13.94 15.62
C1B NAD E . -13.75 -12.48 14.15
N9A NAD E . -14.38 -11.18 14.25
C8A NAD E . -15.57 -10.74 13.66
N7A NAD E . -15.83 -9.42 13.93
C5A NAD E . -14.78 -9.02 14.71
C6A NAD E . -14.54 -7.77 15.26
N6A NAD E . -15.34 -6.71 15.10
N1A NAD E . -13.38 -7.67 16.02
C2A NAD E . -12.52 -8.73 16.19
N3A NAD E . -12.76 -9.99 15.63
C4A NAD E . -13.91 -10.06 14.89
O3 NAD E . -14.31 -15.89 8.31
PN NAD E . -13.24 -16.55 7.36
O1N NAD E . -13.86 -17.64 6.56
O2N NAD E . -11.98 -16.96 7.98
O5D NAD E . -12.93 -15.36 6.26
C5D NAD E . -12.42 -14.07 6.79
C4D NAD E . -12.52 -12.90 5.79
O4D NAD E . -11.69 -13.19 4.65
C3D NAD E . -13.96 -12.77 5.28
O3D NAD E . -14.27 -11.40 5.04
C2D NAD E . -13.93 -13.53 3.96
O2D NAD E . -14.96 -13.01 3.10
C1D NAD E . -12.55 -13.07 3.46
N1N NAD E . -11.93 -13.90 2.44
C2N NAD E . -11.21 -13.25 1.51
C3N NAD E . -10.50 -13.91 0.59
C7N NAD E . -9.71 -13.24 -0.32
O7N NAD E . -9.42 -13.79 -1.40
N7N NAD E . -9.14 -12.04 -0.07
C4N NAD E . -10.52 -15.25 0.59
C5N NAD E . -11.27 -15.94 1.51
C6N NAD E . -11.97 -15.22 2.45
ZN ZN F . 16.23 7.92 14.27
ZN ZN G . 10.27 20.34 0.26
PA NAD H . 4.79 22.57 -7.48
O1A NAD H . 3.69 23.41 -7.16
O2A NAD H . 5.98 23.19 -8.07
O5B NAD H . 4.27 21.50 -8.55
C5B NAD H . 2.88 21.17 -8.48
C4B NAD H . 2.50 20.83 -9.92
O4B NAD H . 1.21 20.23 -9.84
C3B NAD H . 2.42 22.12 -10.80
O3B NAD H . 3.05 21.85 -12.07
C2B NAD H . 0.89 22.19 -10.98
O2B NAD H . 0.55 22.72 -12.27
C1B NAD H . 0.46 20.69 -10.92
N9A NAD H . -0.94 20.53 -10.57
C8A NAD H . -1.68 21.25 -9.61
N7A NAD H . -3.02 20.82 -9.63
C5A NAD H . -3.07 19.86 -10.61
C6A NAD H . -4.13 19.02 -10.96
N6A NAD H . -5.34 19.19 -10.47
N1A NAD H . -3.92 18.01 -11.87
C2A NAD H . -2.66 17.85 -12.44
N3A NAD H . -1.59 18.69 -12.09
C4A NAD H . -1.85 19.68 -11.17
O3 NAD H . 5.15 21.72 -6.20
PN NAD H . 6.38 20.87 -5.81
O1N NAD H . 7.42 21.66 -5.15
O2N NAD H . 6.96 20.11 -6.92
O5D NAD H . 5.80 19.82 -4.66
C5D NAD H . 4.74 18.91 -5.07
C4D NAD H . 4.12 18.27 -3.84
O4D NAD H . 5.12 17.45 -3.20
C3D NAD H . 3.62 19.36 -2.85
O3D NAD H . 2.39 18.93 -2.26
C2D NAD H . 4.77 19.31 -1.80
O2D NAD H . 4.29 19.79 -0.53
C1D NAD H . 5.04 17.80 -1.76
N1N NAD H . 6.37 17.38 -1.25
C2N NAD H . 6.39 16.25 -0.51
C3N NAD H . 7.57 15.75 -0.05
C7N NAD H . 7.62 14.59 0.67
O7N NAD H . 8.59 14.33 1.43
N7N NAD H . 6.69 13.63 0.55
C4N NAD H . 8.73 16.42 -0.31
C5N NAD H . 8.71 17.56 -1.04
C6N NAD H . 7.49 18.05 -1.53
#